data_1J2B
#
_entry.id   1J2B
#
_cell.length_a   230.834
_cell.length_b   230.834
_cell.length_c   269.255
_cell.angle_alpha   90.00
_cell.angle_beta   90.00
_cell.angle_gamma   120.00
#
_symmetry.space_group_name_H-M   'H 3 2'
#
loop_
_entity.id
_entity.type
_entity.pdbx_description
1 polymer tRNA(Val)
2 polymer 'Archaeosine tRNA-guanine transglycosylase'
3 non-polymer 'MAGNESIUM ION'
4 non-polymer 'ZINC ION'
5 water water
#
loop_
_entity_poly.entity_id
_entity_poly.type
_entity_poly.pdbx_seq_one_letter_code
_entity_poly.pdbx_strand_id
1 'polyribonucleotide' GGGCCCGUGGUCUAGUUGGUCAUGACGCCGCCCUUACGAGGCGGAGGUCCGGGGUUCAAGUCCCCGCGGGCCCACCA C,D
2 'polypeptide(L)'
;MSRGDKMLKFEIKARDGAGRIGKLEVNGKKIETPAIMPVVNPKQMVVEPKELEKMGFEIIITNSYIIYKDEELRRKALEL
GIHRMLDYNGIIEVDSGSFQLMKYGSIEVSNREIIEFQHRIGVDIGTFLDIPTPPDAPREQAVKELEITLSRAREAEEIK
EIPMNATIQGSTYTDLRRYAARRLSSMNFEIHPIGGVVPLLESYRFRDVVDIVISSKMALRPDRPVHLFGAGHPIVFALA
VAMGVDLFDSASYALYAKDDRYMTPEGTKRLDELDYFPCSCPVCSKYTPQELREMPKEERTRLLALHNLWVIKEEIKRVK
QAIKEGELWRLVDERARSHPKLYSAYKRLLEHYTFLEEFEPITKKSALFKISNESLRWPVVRRAKERAKSINERFGELVE
HPIFGRVSRYLSLTYPFAQSEAEDDFKIEKPTKEDAIKYVMAIAEYQFGEGASRAFDDAKVELSKTGMPRQVKVNGKRLA
TVRADDGLLTLGIEGAKRLHRVLPYPRMRVVVNKEAEPFARKGKDVFAKFVIFADPGIRPYDEVLVVNENDELLATGQAL
LSGREMIVFQYGRAVKVRKGVE
;
A,B
#
# COMPACT_ATOMS: atom_id res chain seq x y z
N MET C 7 8.69 38.53 0.13
CA MET C 7 8.55 38.38 1.60
C MET C 7 7.77 37.12 2.03
N LEU C 8 8.34 35.97 1.65
CA LEU C 8 7.79 34.63 1.94
C LEU C 8 8.89 33.76 2.61
N LYS C 9 8.61 33.26 3.81
CA LYS C 9 9.56 32.45 4.56
C LYS C 9 9.43 30.96 4.30
N PHE C 10 10.56 30.25 4.17
CA PHE C 10 10.54 28.80 3.95
C PHE C 10 11.72 28.09 4.56
N GLU C 11 11.47 27.23 5.54
CA GLU C 11 12.55 26.49 6.18
C GLU C 11 12.26 25.00 6.26
N ILE C 12 13.28 24.18 5.99
CA ILE C 12 13.13 22.72 6.03
C ILE C 12 13.10 22.14 7.45
N LYS C 13 11.92 21.71 7.89
CA LYS C 13 11.80 21.14 9.23
C LYS C 13 12.46 19.77 9.29
N ALA C 14 11.85 18.78 8.65
CA ALA C 14 12.42 17.43 8.62
C ALA C 14 12.56 16.98 7.16
N ARG C 15 13.37 15.96 6.92
CA ARG C 15 13.57 15.56 5.55
C ARG C 15 13.88 14.09 5.30
N ASP C 16 13.58 13.68 4.08
CA ASP C 16 13.88 12.33 3.63
C ASP C 16 13.82 12.33 2.12
N GLY C 17 14.28 11.24 1.51
CA GLY C 17 14.29 11.13 0.06
C GLY C 17 14.95 12.27 -0.65
N ALA C 18 14.12 13.17 -1.15
CA ALA C 18 14.58 14.35 -1.88
C ALA C 18 13.55 15.39 -1.57
N GLY C 19 12.63 15.04 -0.70
CA GLY C 19 11.58 15.94 -0.34
C GLY C 19 11.75 16.26 1.11
N ARG C 20 10.80 17.02 1.65
CA ARG C 20 10.88 17.42 3.04
C ARG C 20 9.63 18.09 3.55
N ILE C 21 9.49 18.04 4.86
CA ILE C 21 8.39 18.65 5.59
C ILE C 21 8.92 20.03 5.97
N GLY C 22 8.25 21.10 5.55
CA GLY C 22 8.75 22.42 5.88
C GLY C 22 7.76 23.34 6.55
N LYS C 23 8.27 24.47 7.05
CA LYS C 23 7.47 25.51 7.71
C LYS C 23 7.38 26.66 6.72
N LEU C 24 6.16 27.05 6.39
CA LEU C 24 5.92 28.11 5.41
C LEU C 24 5.17 29.25 6.04
N GLU C 25 5.70 30.46 5.90
CA GLU C 25 5.08 31.66 6.48
C GLU C 25 4.85 32.77 5.46
N VAL C 26 3.59 33.19 5.36
CA VAL C 26 3.18 34.27 4.48
C VAL C 26 2.19 35.15 5.24
N ASN C 27 2.53 36.43 5.34
CA ASN C 27 1.69 37.38 6.04
C ASN C 27 1.21 36.88 7.39
N GLY C 28 2.18 36.45 8.21
CA GLY C 28 1.90 35.99 9.56
C GLY C 28 1.23 34.64 9.71
N LYS C 29 0.57 34.17 8.64
CA LYS C 29 -0.12 32.89 8.68
C LYS C 29 0.85 31.74 8.38
N LYS C 30 1.03 30.81 9.30
CA LYS C 30 1.91 29.68 9.02
C LYS C 30 1.15 28.39 8.69
N ILE C 31 1.86 27.51 7.97
CA ILE C 31 1.33 26.21 7.58
C ILE C 31 2.52 25.30 7.57
N GLU C 32 2.37 24.13 6.94
CA GLU C 32 3.46 23.18 6.87
C GLU C 32 3.39 22.36 5.60
N THR C 33 4.51 22.20 4.92
CA THR C 33 4.51 21.42 3.68
C THR C 33 5.15 20.06 3.95
N PRO C 34 4.79 19.03 3.15
CA PRO C 34 3.85 19.00 2.03
C PRO C 34 2.46 19.44 2.43
N ALA C 35 1.77 20.06 1.48
CA ALA C 35 0.42 20.53 1.74
C ALA C 35 -0.37 20.76 0.43
N ILE C 36 -1.64 20.35 0.44
CA ILE C 36 -2.46 20.53 -0.76
C ILE C 36 -3.52 21.60 -0.60
N MET C 37 -3.68 22.37 -1.67
CA MET C 37 -4.62 23.46 -1.71
C MET C 37 -5.83 23.08 -2.54
N PRO C 38 -7.02 23.00 -1.92
CA PRO C 38 -8.23 22.65 -2.65
C PRO C 38 -8.63 23.79 -3.61
N VAL C 39 -8.67 23.51 -4.91
CA VAL C 39 -9.07 24.53 -5.90
C VAL C 39 -10.57 24.80 -5.71
N VAL C 40 -10.96 26.06 -5.53
CA VAL C 40 -12.37 26.42 -5.37
C VAL C 40 -12.83 27.46 -6.39
N ASN C 41 -14.00 27.22 -7.00
CA ASN C 41 -14.60 28.13 -7.98
C ASN C 41 -15.80 28.74 -7.26
N PRO C 42 -15.64 29.95 -6.65
CA PRO C 42 -16.63 30.71 -5.89
C PRO C 42 -18.10 30.68 -6.34
N LYS C 43 -18.36 30.92 -7.62
CA LYS C 43 -19.74 30.88 -8.11
C LYS C 43 -20.53 29.69 -7.51
N GLN C 44 -20.05 28.48 -7.80
CA GLN C 44 -20.68 27.22 -7.36
C GLN C 44 -19.76 26.39 -6.45
N MET C 45 -19.76 26.69 -5.15
CA MET C 45 -18.90 25.97 -4.22
C MET C 45 -19.54 24.72 -3.62
N VAL C 46 -18.96 23.58 -3.95
CA VAL C 46 -19.43 22.28 -3.47
C VAL C 46 -19.23 22.17 -1.96
N VAL C 47 -18.15 22.79 -1.50
CA VAL C 47 -17.80 22.84 -0.09
C VAL C 47 -17.22 24.23 0.12
N GLU C 48 -17.76 24.93 1.10
CA GLU C 48 -17.34 26.27 1.40
C GLU C 48 -16.07 26.32 2.25
N PRO C 49 -15.21 27.29 1.98
CA PRO C 49 -13.96 27.46 2.71
C PRO C 49 -14.24 27.39 4.21
N LYS C 50 -15.40 27.91 4.58
CA LYS C 50 -15.83 27.91 5.96
C LYS C 50 -15.43 26.58 6.60
N GLU C 51 -15.82 25.48 5.98
CA GLU C 51 -15.50 24.17 6.56
C GLU C 51 -14.14 23.64 6.16
N LEU C 52 -13.71 23.88 4.92
CA LEU C 52 -12.41 23.39 4.51
C LEU C 52 -11.45 23.76 5.63
N GLU C 53 -11.57 25.01 6.07
CA GLU C 53 -10.74 25.55 7.14
C GLU C 53 -10.96 24.74 8.39
N LYS C 54 -12.22 24.47 8.69
CA LYS C 54 -12.58 23.71 9.88
C LYS C 54 -11.97 22.32 9.82
N MET C 55 -11.84 21.79 8.60
CA MET C 55 -11.27 20.47 8.33
C MET C 55 -9.77 20.37 8.62
N GLY C 56 -8.98 21.24 8.00
CA GLY C 56 -7.56 21.19 8.26
C GLY C 56 -6.81 22.03 7.25
N PHE C 57 -7.48 22.37 6.16
CA PHE C 57 -6.89 23.17 5.10
C PHE C 57 -6.63 24.60 5.51
N GLU C 58 -5.40 24.88 5.92
CA GLU C 58 -5.05 26.22 6.34
C GLU C 58 -4.67 27.07 5.15
N ILE C 59 -4.89 26.53 3.96
CA ILE C 59 -4.60 27.25 2.72
C ILE C 59 -5.37 26.67 1.56
N ILE C 60 -5.75 27.52 0.62
CA ILE C 60 -6.47 27.08 -0.57
C ILE C 60 -6.11 27.94 -1.78
N ILE C 61 -6.93 27.87 -2.81
CA ILE C 61 -6.67 28.63 -4.02
C ILE C 61 -7.95 28.74 -4.80
N THR C 62 -8.12 29.84 -5.52
CA THR C 62 -9.31 30.12 -6.36
C THR C 62 -8.80 30.70 -7.69
N ASN C 63 -9.67 30.90 -8.66
CA ASN C 63 -9.18 31.46 -9.90
C ASN C 63 -9.51 32.93 -10.06
N SER C 64 -8.51 33.77 -9.75
CA SER C 64 -8.66 35.22 -9.89
C SER C 64 -9.30 35.61 -11.23
N TYR C 65 -8.75 35.10 -12.33
CA TYR C 65 -9.28 35.43 -13.67
C TYR C 65 -10.75 35.15 -13.82
N ILE C 66 -11.23 34.12 -13.14
CA ILE C 66 -12.63 33.77 -13.25
C ILE C 66 -13.46 34.81 -12.51
N ILE C 67 -12.83 35.50 -11.58
CA ILE C 67 -13.51 36.54 -10.81
C ILE C 67 -13.46 37.85 -11.60
N TYR C 68 -12.29 38.17 -12.16
CA TYR C 68 -12.11 39.37 -12.97
C TYR C 68 -13.21 39.44 -14.03
N LYS C 69 -13.66 38.28 -14.52
CA LYS C 69 -14.71 38.27 -15.53
C LYS C 69 -16.08 38.59 -14.92
N ASP C 70 -16.51 37.79 -13.95
CA ASP C 70 -17.78 37.96 -13.28
C ASP C 70 -17.92 39.39 -12.74
N GLU C 71 -19.05 40.03 -13.05
CA GLU C 71 -19.35 41.40 -12.58
C GLU C 71 -19.48 41.41 -11.06
N GLU C 72 -20.50 40.71 -10.58
CA GLU C 72 -20.80 40.59 -9.15
C GLU C 72 -19.56 40.48 -8.27
N LEU C 73 -18.78 39.41 -8.45
CA LEU C 73 -17.60 39.18 -7.64
C LEU C 73 -16.50 40.22 -7.79
N ARG C 74 -16.23 40.64 -9.02
CA ARG C 74 -15.23 41.68 -9.28
C ARG C 74 -15.34 42.75 -8.20
N ARG C 75 -16.58 43.14 -7.91
CA ARG C 75 -16.92 44.17 -6.92
C ARG C 75 -16.80 43.64 -5.49
N LYS C 76 -17.57 42.61 -5.17
CA LYS C 76 -17.52 42.03 -3.84
C LYS C 76 -16.05 41.88 -3.48
N ALA C 77 -15.26 41.65 -4.52
CA ALA C 77 -13.82 41.46 -4.40
C ALA C 77 -13.16 42.72 -3.85
N LEU C 78 -13.14 43.76 -4.67
CA LEU C 78 -12.53 45.02 -4.28
C LEU C 78 -13.19 45.62 -3.04
N GLU C 79 -14.32 45.04 -2.63
CA GLU C 79 -15.08 45.49 -1.46
C GLU C 79 -14.46 45.04 -0.14
N LEU C 80 -14.65 43.77 0.22
CA LEU C 80 -14.11 43.26 1.46
C LEU C 80 -12.92 42.29 1.26
N GLY C 81 -12.03 42.63 0.33
CA GLY C 81 -10.88 41.78 0.05
C GLY C 81 -11.30 40.43 -0.52
N ILE C 82 -10.66 39.34 -0.09
CA ILE C 82 -11.07 38.01 -0.54
C ILE C 82 -11.42 37.19 0.65
N HIS C 83 -10.53 37.16 1.63
CA HIS C 83 -10.76 36.40 2.86
C HIS C 83 -12.22 36.53 3.27
N ARG C 84 -12.61 37.77 3.57
CA ARG C 84 -13.96 38.12 4.01
C ARG C 84 -15.06 37.68 3.06
N MET C 85 -14.77 37.75 1.76
CA MET C 85 -15.75 37.37 0.77
C MET C 85 -15.87 35.84 0.62
N LEU C 86 -14.97 35.10 1.27
CA LEU C 86 -14.99 33.65 1.24
C LEU C 86 -15.12 33.12 2.63
N ASP C 87 -15.12 34.01 3.61
CA ASP C 87 -15.23 33.61 5.00
C ASP C 87 -14.09 32.62 5.34
N TYR C 88 -12.94 32.86 4.73
CA TYR C 88 -11.74 32.04 4.92
C TYR C 88 -10.64 32.87 5.59
N ASN C 89 -10.22 32.46 6.78
CA ASN C 89 -9.17 33.20 7.49
C ASN C 89 -7.78 32.52 7.37
N GLY C 90 -7.61 31.73 6.33
CA GLY C 90 -6.34 31.05 6.11
C GLY C 90 -5.63 31.67 4.92
N ILE C 91 -4.48 31.11 4.57
CA ILE C 91 -3.69 31.60 3.45
C ILE C 91 -4.39 31.37 2.11
N ILE C 92 -4.68 32.43 1.37
CA ILE C 92 -5.35 32.28 0.08
C ILE C 92 -4.42 32.63 -1.06
N GLU C 93 -4.47 31.83 -2.12
CA GLU C 93 -3.63 32.03 -3.29
C GLU C 93 -4.51 31.94 -4.52
N VAL C 94 -4.14 32.62 -5.59
CA VAL C 94 -4.93 32.59 -6.81
C VAL C 94 -4.17 32.16 -8.05
N ASP C 95 -4.92 31.90 -9.10
CA ASP C 95 -4.37 31.48 -10.36
C ASP C 95 -4.58 32.59 -11.38
N SER C 96 -3.63 32.75 -12.29
CA SER C 96 -3.72 33.75 -13.35
C SER C 96 -4.92 33.47 -14.22
N GLY C 97 -5.13 32.20 -14.55
CA GLY C 97 -6.24 31.87 -15.41
C GLY C 97 -5.61 31.31 -16.68
N SER C 98 -4.29 31.17 -16.63
CA SER C 98 -3.56 30.60 -17.75
C SER C 98 -4.13 29.19 -17.99
N PHE C 99 -4.47 28.47 -16.92
CA PHE C 99 -5.06 27.14 -17.09
C PHE C 99 -6.28 27.28 -18.01
N GLN C 100 -6.97 28.42 -17.90
CA GLN C 100 -8.16 28.72 -18.72
C GLN C 100 -7.72 29.06 -20.12
N LEU C 101 -6.49 29.57 -20.22
CA LEU C 101 -5.89 29.95 -21.49
C LEU C 101 -5.42 28.69 -22.22
N MET C 102 -5.21 27.61 -21.46
CA MET C 102 -4.78 26.32 -22.00
C MET C 102 -5.98 25.60 -22.64
N LYS C 103 -7.02 25.35 -21.83
CA LYS C 103 -8.23 24.68 -22.32
C LYS C 103 -8.96 25.50 -23.39
N TYR C 104 -9.58 26.59 -22.98
CA TYR C 104 -10.34 27.46 -23.88
C TYR C 104 -9.48 28.37 -24.78
N GLY C 105 -8.16 28.38 -24.54
CA GLY C 105 -7.26 29.20 -25.35
C GLY C 105 -7.21 30.70 -25.04
N SER C 106 -8.12 31.45 -25.65
CA SER C 106 -8.19 32.90 -25.50
C SER C 106 -8.86 33.38 -24.22
N ILE C 107 -8.07 34.07 -23.40
CA ILE C 107 -8.49 34.65 -22.12
C ILE C 107 -8.24 36.16 -22.19
N GLU C 108 -9.23 36.97 -21.81
CA GLU C 108 -9.09 38.42 -21.88
C GLU C 108 -8.57 39.15 -20.65
N VAL C 109 -7.31 39.60 -20.75
CA VAL C 109 -6.66 40.36 -19.69
C VAL C 109 -5.16 40.44 -19.98
N SER C 110 -4.54 41.44 -19.39
CA SER C 110 -3.11 41.67 -19.57
C SER C 110 -2.38 41.06 -18.38
N ASN C 111 -1.17 40.57 -18.61
CA ASN C 111 -0.35 39.99 -17.53
C ASN C 111 -0.43 41.02 -16.41
N ARG C 112 -0.22 42.28 -16.78
CA ARG C 112 -0.25 43.38 -15.84
C ARG C 112 -1.63 43.57 -15.23
N GLU C 113 -2.67 43.71 -16.07
CA GLU C 113 -4.03 43.91 -15.57
C GLU C 113 -4.43 43.00 -14.41
N ILE C 114 -4.22 41.69 -14.58
CA ILE C 114 -4.54 40.68 -13.55
C ILE C 114 -3.52 40.69 -12.41
N ILE C 115 -2.25 40.82 -12.78
CA ILE C 115 -1.18 40.85 -11.79
C ILE C 115 -1.50 41.94 -10.76
N GLU C 116 -2.08 43.03 -11.25
CA GLU C 116 -2.45 44.19 -10.43
C GLU C 116 -3.72 43.89 -9.68
N PHE C 117 -4.68 43.34 -10.41
CA PHE C 117 -5.98 42.96 -9.89
C PHE C 117 -5.85 42.08 -8.66
N GLN C 118 -4.73 41.36 -8.60
CA GLN C 118 -4.46 40.46 -7.48
C GLN C 118 -3.97 41.20 -6.26
N HIS C 119 -3.40 42.38 -6.47
CA HIS C 119 -2.91 43.15 -5.34
C HIS C 119 -4.10 43.79 -4.63
N ARG C 120 -5.00 44.36 -5.42
CA ARG C 120 -6.17 45.02 -4.90
C ARG C 120 -7.08 44.09 -4.08
N ILE C 121 -7.39 42.92 -4.61
CA ILE C 121 -8.26 41.97 -3.91
C ILE C 121 -7.63 41.49 -2.60
N GLY C 122 -6.42 41.97 -2.33
CA GLY C 122 -5.71 41.61 -1.11
C GLY C 122 -5.53 40.13 -0.83
N VAL C 123 -4.71 39.48 -1.68
CA VAL C 123 -4.41 38.05 -1.57
C VAL C 123 -3.16 37.84 -0.73
N ASP C 124 -2.75 36.58 -0.57
CA ASP C 124 -1.55 36.24 0.20
C ASP C 124 -0.44 35.74 -0.71
N ILE C 125 -0.84 35.19 -1.86
CA ILE C 125 0.10 34.69 -2.87
C ILE C 125 -0.63 34.76 -4.21
N GLY C 126 0.09 35.15 -5.26
CA GLY C 126 -0.50 35.28 -6.58
C GLY C 126 0.33 34.66 -7.68
N THR C 127 -0.25 34.55 -8.87
CA THR C 127 0.44 33.94 -10.01
C THR C 127 0.35 34.87 -11.21
N PHE C 128 1.46 35.12 -11.91
CA PHE C 128 1.35 35.97 -13.09
C PHE C 128 0.82 35.10 -14.22
N LEU C 129 0.45 35.70 -15.33
CA LEU C 129 -0.11 34.91 -16.41
C LEU C 129 0.91 34.13 -17.22
N ASP C 130 1.32 32.98 -16.70
CA ASP C 130 2.27 32.13 -17.41
C ASP C 130 1.49 31.41 -18.51
N ILE C 131 2.21 30.84 -19.47
CA ILE C 131 1.56 30.14 -20.58
C ILE C 131 1.78 28.63 -20.49
N PRO C 132 0.76 27.87 -20.03
CA PRO C 132 0.94 26.43 -19.94
C PRO C 132 0.87 25.68 -21.28
N THR C 133 2.01 25.59 -21.93
CA THR C 133 2.09 24.87 -23.18
C THR C 133 1.75 23.43 -22.79
N PRO C 134 1.09 22.69 -23.70
CA PRO C 134 0.69 21.30 -23.45
C PRO C 134 1.88 20.32 -23.62
N PRO C 135 1.59 19.01 -23.72
CA PRO C 135 2.70 18.08 -23.89
C PRO C 135 2.92 17.73 -25.34
N ASP C 136 4.13 17.25 -25.64
CA ASP C 136 4.48 16.84 -26.99
C ASP C 136 4.19 17.96 -27.99
N ALA C 137 4.02 19.17 -27.47
CA ALA C 137 3.74 20.30 -28.35
C ALA C 137 4.92 20.51 -29.32
N PRO C 138 4.64 21.10 -30.49
CA PRO C 138 5.67 21.37 -31.52
C PRO C 138 6.85 22.08 -30.87
N ARG C 139 8.00 22.09 -31.54
CA ARG C 139 9.18 22.72 -30.95
C ARG C 139 9.06 24.23 -30.64
N GLU C 140 9.14 25.05 -31.69
CA GLU C 140 9.04 26.49 -31.53
C GLU C 140 7.92 26.87 -30.58
N GLN C 141 6.76 26.23 -30.75
CA GLN C 141 5.65 26.55 -29.91
C GLN C 141 6.01 26.45 -28.44
N ALA C 142 7.00 25.64 -28.12
CA ALA C 142 7.42 25.50 -26.73
C ALA C 142 8.42 26.60 -26.46
N VAL C 143 9.34 26.78 -27.40
CA VAL C 143 10.37 27.82 -27.29
C VAL C 143 9.69 29.18 -27.18
N LYS C 144 9.12 29.62 -28.31
CA LYS C 144 8.45 30.90 -28.42
C LYS C 144 7.50 31.16 -27.27
N GLU C 145 6.70 30.16 -26.94
CA GLU C 145 5.74 30.31 -25.86
C GLU C 145 6.40 30.45 -24.51
N LEU C 146 7.52 29.79 -24.30
CA LEU C 146 8.21 29.90 -23.02
C LEU C 146 8.81 31.31 -22.85
N GLU C 147 9.40 31.84 -23.92
CA GLU C 147 9.99 33.17 -23.84
C GLU C 147 8.88 34.13 -23.41
N ILE C 148 7.78 34.14 -24.15
CA ILE C 148 6.66 35.00 -23.81
C ILE C 148 6.37 34.87 -22.30
N THR C 149 6.49 33.65 -21.80
CA THR C 149 6.24 33.37 -20.38
C THR C 149 7.31 34.05 -19.51
N LEU C 150 8.57 33.88 -19.93
CA LEU C 150 9.71 34.44 -19.23
C LEU C 150 9.64 35.96 -19.19
N SER C 151 9.21 36.56 -20.29
CA SER C 151 9.09 38.00 -20.38
C SER C 151 8.02 38.51 -19.42
N ARG C 152 6.85 37.86 -19.46
CA ARG C 152 5.75 38.23 -18.60
C ARG C 152 6.20 38.03 -17.16
N ALA C 153 7.21 37.19 -16.98
CA ALA C 153 7.73 36.91 -15.65
C ALA C 153 8.67 38.02 -15.21
N ARG C 154 9.28 38.69 -16.19
CA ARG C 154 10.19 39.80 -15.89
C ARG C 154 9.30 41.00 -15.60
N GLU C 155 8.39 41.26 -16.54
CA GLU C 155 7.45 42.37 -16.42
C GLU C 155 6.74 42.29 -15.09
N ALA C 156 6.49 41.07 -14.62
CA ALA C 156 5.80 40.86 -13.36
C ALA C 156 6.76 40.91 -12.20
N GLU C 157 8.04 40.74 -12.49
CA GLU C 157 9.07 40.76 -11.46
C GLU C 157 9.15 42.11 -10.76
N GLU C 158 9.00 43.17 -11.56
CA GLU C 158 9.09 44.53 -11.03
C GLU C 158 7.79 45.29 -10.79
N ILE C 159 6.65 44.72 -11.17
CA ILE C 159 5.36 45.36 -10.95
C ILE C 159 4.68 44.69 -9.76
N LYS C 160 5.34 43.67 -9.24
CA LYS C 160 4.82 42.89 -8.13
C LYS C 160 5.05 43.51 -6.77
N GLU C 161 4.11 43.28 -5.86
CA GLU C 161 4.25 43.75 -4.50
C GLU C 161 3.86 42.65 -3.51
N ILE C 162 3.20 41.61 -4.03
CA ILE C 162 2.81 40.44 -3.22
C ILE C 162 3.61 39.17 -3.60
N PRO C 163 3.68 38.17 -2.68
CA PRO C 163 4.42 36.95 -2.97
C PRO C 163 3.87 36.35 -4.28
N MET C 164 4.74 35.91 -5.18
CA MET C 164 4.28 35.36 -6.45
C MET C 164 4.87 34.00 -6.88
N ASN C 165 4.09 33.25 -7.66
CA ASN C 165 4.44 31.92 -8.21
C ASN C 165 5.15 32.04 -9.55
N ALA C 166 6.42 31.67 -9.64
CA ALA C 166 7.06 31.73 -10.95
C ALA C 166 6.94 30.31 -11.54
N THR C 167 5.91 30.09 -12.35
CA THR C 167 5.67 28.76 -12.92
C THR C 167 6.53 28.32 -14.10
N ILE C 168 7.28 27.26 -13.86
CA ILE C 168 8.17 26.72 -14.87
C ILE C 168 7.41 26.05 -15.97
N GLN C 169 7.50 26.57 -17.18
CA GLN C 169 6.80 25.89 -18.27
C GLN C 169 7.85 25.18 -19.12
N GLY C 170 7.53 24.88 -20.37
CA GLY C 170 8.51 24.21 -21.22
C GLY C 170 8.07 22.92 -21.89
N SER C 171 6.79 22.55 -21.72
CA SER C 171 6.29 21.35 -22.38
C SER C 171 7.03 20.04 -21.97
N THR C 172 7.08 19.11 -22.91
CA THR C 172 7.71 17.82 -22.72
C THR C 172 9.22 17.92 -23.03
N TYR C 173 9.75 19.14 -22.97
CA TYR C 173 11.17 19.36 -23.26
C TYR C 173 12.03 19.61 -22.03
N THR C 174 12.70 18.54 -21.59
CA THR C 174 13.56 18.61 -20.43
C THR C 174 14.64 19.69 -20.62
N ASP C 175 15.11 19.90 -21.85
CA ASP C 175 16.15 20.93 -21.99
C ASP C 175 15.57 22.30 -21.68
N LEU C 176 14.35 22.55 -22.14
CA LEU C 176 13.69 23.83 -21.90
C LEU C 176 13.34 23.96 -20.43
N ARG C 177 12.77 22.90 -19.88
CA ARG C 177 12.38 22.88 -18.48
C ARG C 177 13.58 23.37 -17.63
N ARG C 178 14.74 22.77 -17.92
CA ARG C 178 16.02 23.05 -17.26
C ARG C 178 16.37 24.53 -17.29
N TYR C 179 16.23 25.12 -18.46
CA TYR C 179 16.53 26.54 -18.70
C TYR C 179 15.53 27.45 -17.99
N ALA C 180 14.26 27.31 -18.34
CA ALA C 180 13.22 28.11 -17.74
C ALA C 180 13.27 27.96 -16.23
N ALA C 181 14.06 27.01 -15.76
CA ALA C 181 14.23 26.77 -14.34
C ALA C 181 15.27 27.72 -13.77
N ARG C 182 16.41 27.87 -14.44
CA ARG C 182 17.41 28.79 -13.90
C ARG C 182 17.05 30.25 -14.15
N ARG C 183 16.43 30.55 -15.29
CA ARG C 183 16.02 31.93 -15.54
C ARG C 183 15.12 32.36 -14.37
N LEU C 184 14.15 31.52 -14.01
CA LEU C 184 13.20 31.80 -12.93
C LEU C 184 13.73 31.59 -11.52
N SER C 185 14.80 30.80 -11.35
CA SER C 185 15.30 30.61 -9.99
C SER C 185 16.06 31.88 -9.59
N SER C 186 16.87 32.38 -10.51
CA SER C 186 17.69 33.60 -10.33
C SER C 186 16.84 34.86 -10.19
N MET C 187 15.62 34.82 -10.72
CA MET C 187 14.71 35.95 -10.63
C MET C 187 14.18 36.03 -9.21
N ASN C 188 13.69 37.20 -8.80
CA ASN C 188 13.21 37.35 -7.44
C ASN C 188 11.75 36.98 -7.17
N PHE C 189 11.47 35.68 -7.06
CA PHE C 189 10.12 35.22 -6.76
C PHE C 189 10.17 34.30 -5.56
N GLU C 190 9.01 34.11 -4.92
CA GLU C 190 8.93 33.28 -3.73
C GLU C 190 8.64 31.79 -3.95
N ILE C 191 7.82 31.44 -4.94
CA ILE C 191 7.49 30.03 -5.19
C ILE C 191 7.53 29.61 -6.65
N HIS C 192 7.93 28.37 -6.89
CA HIS C 192 8.01 27.84 -8.24
C HIS C 192 7.12 26.64 -8.54
N PRO C 193 5.97 26.85 -9.20
CA PRO C 193 5.16 25.67 -9.48
C PRO C 193 5.60 25.11 -10.84
N ILE C 194 5.53 23.78 -10.96
CA ILE C 194 5.88 23.08 -12.18
C ILE C 194 4.53 22.96 -12.88
N GLY C 195 4.37 23.61 -14.01
CA GLY C 195 3.07 23.56 -14.67
C GLY C 195 2.89 22.88 -16.01
N GLY C 196 1.64 22.90 -16.47
CA GLY C 196 1.29 22.31 -17.75
C GLY C 196 1.46 20.81 -17.75
N VAL C 197 1.04 20.18 -16.65
CA VAL C 197 1.16 18.71 -16.51
C VAL C 197 -0.16 17.93 -16.35
N VAL C 198 -1.28 18.64 -16.08
CA VAL C 198 -2.56 17.96 -15.92
C VAL C 198 -2.86 16.99 -17.06
N PRO C 199 -2.69 17.42 -18.32
CA PRO C 199 -2.96 16.52 -19.44
C PRO C 199 -2.17 15.21 -19.23
N LEU C 200 -0.98 15.38 -18.68
CA LEU C 200 -0.14 14.25 -18.41
C LEU C 200 -0.79 13.44 -17.32
N LEU C 201 -1.03 14.07 -16.18
CA LEU C 201 -1.64 13.38 -15.06
C LEU C 201 -2.95 12.68 -15.41
N GLU C 202 -3.84 13.37 -16.12
CA GLU C 202 -5.12 12.78 -16.48
C GLU C 202 -4.89 11.50 -17.30
N SER C 203 -3.86 11.52 -18.15
CA SER C 203 -3.50 10.40 -18.99
C SER C 203 -2.51 9.49 -18.23
N TYR C 204 -2.58 9.52 -16.91
CA TYR C 204 -1.66 8.73 -16.10
C TYR C 204 -0.24 8.59 -16.64
N ARG C 205 0.35 9.65 -17.18
CA ARG C 205 1.72 9.54 -17.68
C ARG C 205 2.70 9.85 -16.57
N PHE C 206 2.54 9.18 -15.44
CA PHE C 206 3.41 9.40 -14.32
C PHE C 206 4.91 9.37 -14.63
N ARG C 207 5.33 8.74 -15.71
CA ARG C 207 6.76 8.76 -15.96
C ARG C 207 7.13 10.11 -16.51
N ASP C 208 6.49 10.51 -17.61
CA ASP C 208 6.80 11.80 -18.21
C ASP C 208 6.73 12.94 -17.18
N VAL C 209 5.80 12.84 -16.23
CA VAL C 209 5.71 13.84 -15.17
C VAL C 209 7.03 13.87 -14.36
N VAL C 210 7.51 12.70 -13.92
CA VAL C 210 8.76 12.65 -13.16
C VAL C 210 9.94 13.15 -14.01
N ASP C 211 10.02 12.77 -15.28
CA ASP C 211 11.09 13.29 -16.12
C ASP C 211 11.07 14.82 -16.09
N ILE C 212 9.86 15.38 -15.96
CA ILE C 212 9.70 16.82 -15.91
C ILE C 212 10.02 17.37 -14.53
N VAL C 213 9.35 16.84 -13.51
CA VAL C 213 9.60 17.35 -12.19
C VAL C 213 11.07 17.17 -11.86
N ILE C 214 11.67 16.06 -12.26
CA ILE C 214 13.07 15.94 -11.91
C ILE C 214 13.86 16.99 -12.65
N SER C 215 13.82 16.95 -13.97
CA SER C 215 14.59 17.90 -14.75
C SER C 215 14.59 19.30 -14.13
N SER C 216 13.43 19.72 -13.67
CA SER C 216 13.28 21.03 -13.07
C SER C 216 13.85 21.13 -11.67
N LYS C 217 13.44 20.29 -10.74
CA LYS C 217 13.96 20.43 -9.38
C LYS C 217 15.50 20.49 -9.42
N MET C 218 16.13 19.97 -10.49
CA MET C 218 17.61 20.00 -10.61
C MET C 218 18.15 21.40 -10.86
N ALA C 219 17.46 22.14 -11.72
CA ALA C 219 17.87 23.50 -12.06
C ALA C 219 17.32 24.62 -11.17
N LEU C 220 16.43 24.29 -10.22
CA LEU C 220 15.88 25.31 -9.33
C LEU C 220 16.70 25.41 -8.06
N ARG C 221 16.57 26.56 -7.41
CA ARG C 221 17.25 26.81 -6.13
C ARG C 221 16.61 25.91 -5.07
N PRO C 222 17.42 25.27 -4.25
CA PRO C 222 16.84 24.43 -3.20
C PRO C 222 15.84 25.17 -2.31
N ASP C 223 16.20 26.38 -1.85
CA ASP C 223 15.33 27.14 -0.93
C ASP C 223 13.89 27.57 -1.30
N ARG C 224 13.59 27.70 -2.59
CA ARG C 224 12.25 28.11 -2.94
C ARG C 224 11.32 26.91 -3.11
N PRO C 225 10.11 26.95 -2.48
CA PRO C 225 9.08 25.91 -2.54
C PRO C 225 8.65 25.49 -3.95
N VAL C 226 8.55 24.18 -4.20
CA VAL C 226 8.11 23.70 -5.50
C VAL C 226 6.71 23.11 -5.37
N HIS C 227 5.81 23.58 -6.23
CA HIS C 227 4.42 23.16 -6.23
C HIS C 227 4.09 22.56 -7.57
N LEU C 228 3.48 21.38 -7.56
CA LEU C 228 3.13 20.71 -8.80
C LEU C 228 1.72 21.08 -9.15
N PHE C 229 1.62 21.93 -10.17
CA PHE C 229 0.36 22.47 -10.63
C PHE C 229 -0.71 21.59 -11.22
N GLY C 230 -1.76 21.38 -10.40
CA GLY C 230 -2.91 20.57 -10.79
C GLY C 230 -2.84 19.11 -10.38
N ALA C 231 -2.12 18.83 -9.29
CA ALA C 231 -1.96 17.46 -8.87
C ALA C 231 -2.59 17.25 -7.52
N GLY C 232 -3.77 16.64 -7.50
CA GLY C 232 -4.42 16.40 -6.23
C GLY C 232 -5.00 15.01 -6.01
N HIS C 233 -4.30 13.98 -6.49
CA HIS C 233 -4.76 12.61 -6.28
C HIS C 233 -3.80 11.87 -5.34
N PRO C 234 -4.31 11.26 -4.26
CA PRO C 234 -3.44 10.54 -3.32
C PRO C 234 -2.44 9.60 -3.96
N ILE C 235 -2.77 9.12 -5.15
CA ILE C 235 -1.90 8.20 -5.87
C ILE C 235 -0.51 8.75 -6.18
N VAL C 236 -0.35 10.08 -6.27
CA VAL C 236 0.95 10.71 -6.59
C VAL C 236 1.75 11.30 -5.46
N PHE C 237 1.06 11.71 -4.41
CA PHE C 237 1.72 12.37 -3.30
C PHE C 237 3.03 11.72 -2.86
N ALA C 238 3.00 10.47 -2.39
CA ALA C 238 4.24 9.84 -1.99
C ALA C 238 5.32 9.97 -3.09
N LEU C 239 5.03 9.56 -4.33
CA LEU C 239 6.06 9.71 -5.36
C LEU C 239 6.46 11.20 -5.37
N ALA C 240 5.56 12.06 -5.83
CA ALA C 240 5.81 13.52 -5.88
C ALA C 240 6.68 14.07 -4.76
N VAL C 241 6.16 14.03 -3.54
CA VAL C 241 6.88 14.55 -2.40
C VAL C 241 8.33 14.09 -2.33
N ALA C 242 8.59 12.81 -2.59
CA ALA C 242 9.96 12.31 -2.51
C ALA C 242 10.83 12.81 -3.67
N MET C 243 10.22 13.60 -4.56
CA MET C 243 10.89 14.22 -5.70
C MET C 243 11.30 15.63 -5.30
N GLY C 244 10.87 16.04 -4.11
CA GLY C 244 11.18 17.36 -3.64
C GLY C 244 10.09 18.34 -4.01
N VAL C 245 8.85 17.87 -4.04
CA VAL C 245 7.73 18.73 -4.36
C VAL C 245 7.23 19.07 -2.98
N ASP C 246 6.49 20.17 -2.83
CA ASP C 246 6.01 20.60 -1.51
C ASP C 246 4.56 21.07 -1.50
N LEU C 247 4.05 21.44 -2.67
CA LEU C 247 2.68 21.94 -2.76
C LEU C 247 1.85 21.41 -3.92
N PHE C 248 0.59 21.14 -3.63
CA PHE C 248 -0.35 20.63 -4.63
C PHE C 248 -1.62 21.44 -4.58
N ASP C 249 -2.35 21.46 -5.69
CA ASP C 249 -3.62 22.19 -5.81
C ASP C 249 -4.49 21.41 -6.79
N SER C 250 -5.78 21.27 -6.51
CA SER C 250 -6.61 20.54 -7.46
C SER C 250 -8.09 20.48 -7.14
N ALA C 251 -8.86 20.62 -8.20
CA ALA C 251 -10.31 20.58 -8.14
C ALA C 251 -10.72 19.09 -8.13
N SER C 252 -9.70 18.24 -8.23
CA SER C 252 -9.87 16.79 -8.27
C SER C 252 -11.02 16.31 -7.43
N TYR C 253 -10.96 16.56 -6.12
CA TYR C 253 -11.98 16.10 -5.18
C TYR C 253 -13.44 16.39 -5.55
N ALA C 254 -13.73 17.63 -5.92
CA ALA C 254 -15.08 17.97 -6.29
C ALA C 254 -15.34 17.45 -7.68
N LEU C 255 -14.38 17.68 -8.58
CA LEU C 255 -14.49 17.23 -9.97
C LEU C 255 -14.75 15.73 -10.07
N TYR C 256 -14.06 14.97 -9.24
CA TYR C 256 -14.26 13.56 -9.24
C TYR C 256 -15.66 13.37 -8.73
N ALA C 257 -15.86 13.66 -7.44
CA ALA C 257 -17.16 13.50 -6.79
C ALA C 257 -18.32 13.76 -7.77
N LYS C 258 -18.23 14.83 -8.54
CA LYS C 258 -19.31 15.15 -9.49
C LYS C 258 -19.57 14.00 -10.46
N ASP C 259 -18.52 13.44 -11.06
CA ASP C 259 -18.67 12.33 -12.00
C ASP C 259 -18.88 10.99 -11.29
N ASP C 260 -19.10 11.06 -9.98
CA ASP C 260 -19.34 9.86 -9.16
C ASP C 260 -18.13 8.95 -8.98
N ARG C 261 -16.93 9.53 -8.82
CA ARG C 261 -15.74 8.72 -8.61
C ARG C 261 -15.21 8.87 -7.18
N TYR C 262 -14.81 7.74 -6.62
CA TYR C 262 -14.30 7.61 -5.25
C TYR C 262 -12.75 7.54 -5.28
N MET C 263 -12.06 8.19 -4.34
CA MET C 263 -10.60 8.14 -4.36
C MET C 263 -9.93 7.29 -3.28
N THR C 264 -8.96 6.48 -3.72
CA THR C 264 -8.17 5.60 -2.85
C THR C 264 -6.71 5.84 -3.14
N PRO C 265 -5.89 5.89 -2.09
CA PRO C 265 -4.48 6.11 -2.30
C PRO C 265 -3.94 5.23 -3.41
N GLU C 266 -4.66 4.14 -3.69
CA GLU C 266 -4.23 3.17 -4.70
C GLU C 266 -4.82 3.39 -6.09
N GLY C 267 -5.74 4.34 -6.23
CA GLY C 267 -6.35 4.59 -7.53
C GLY C 267 -7.77 5.13 -7.45
N THR C 268 -8.51 5.03 -8.56
CA THR C 268 -9.89 5.53 -8.58
C THR C 268 -10.99 4.44 -8.70
N LYS C 269 -12.07 4.61 -7.95
CA LYS C 269 -13.18 3.68 -7.95
C LYS C 269 -14.48 4.36 -8.39
N ARG C 270 -15.29 3.65 -9.17
CA ARG C 270 -16.59 4.13 -9.66
C ARG C 270 -17.67 3.71 -8.63
N LEU C 271 -18.33 4.67 -7.98
CA LEU C 271 -19.32 4.32 -6.96
C LEU C 271 -20.04 3.04 -7.31
N ASP C 272 -20.70 3.05 -8.46
CA ASP C 272 -21.45 1.91 -9.00
C ASP C 272 -20.50 0.74 -9.33
N GLU C 273 -19.63 0.42 -8.39
CA GLU C 273 -18.65 -0.65 -8.57
C GLU C 273 -18.15 -0.95 -7.16
N LEU C 274 -18.63 -0.17 -6.20
CA LEU C 274 -18.23 -0.33 -4.81
C LEU C 274 -19.24 -1.15 -4.06
N ASP C 275 -18.78 -2.17 -3.37
CA ASP C 275 -19.71 -2.95 -2.61
C ASP C 275 -19.41 -2.64 -1.18
N TYR C 276 -18.17 -2.22 -0.93
CA TYR C 276 -17.74 -1.86 0.42
C TYR C 276 -17.05 -0.49 0.39
N PHE C 277 -16.71 0.05 1.56
CA PHE C 277 -16.03 1.33 1.60
C PHE C 277 -14.67 1.19 2.28
N PRO C 278 -13.61 1.13 1.47
CA PRO C 278 -12.21 0.99 1.86
C PRO C 278 -11.67 2.22 2.60
N CYS C 279 -12.46 2.73 3.54
CA CYS C 279 -12.08 3.90 4.31
C CYS C 279 -12.74 3.88 5.68
N SER C 280 -12.29 4.77 6.56
CA SER C 280 -12.86 4.85 7.91
C SER C 280 -13.20 6.28 8.32
N CYS C 281 -13.19 7.20 7.35
CA CYS C 281 -13.49 8.60 7.62
C CYS C 281 -14.91 8.78 8.14
N PRO C 282 -15.37 10.03 8.27
CA PRO C 282 -16.73 10.24 8.75
C PRO C 282 -17.86 9.95 7.77
N VAL C 283 -17.56 9.91 6.47
CA VAL C 283 -18.58 9.63 5.44
C VAL C 283 -18.77 8.11 5.23
N CYS C 284 -17.66 7.38 5.13
CA CYS C 284 -17.69 5.93 4.90
C CYS C 284 -17.99 5.19 6.18
N SER C 285 -18.04 5.93 7.28
CA SER C 285 -18.36 5.36 8.58
C SER C 285 -19.88 5.29 8.73
N LYS C 286 -20.55 6.42 8.52
CA LYS C 286 -22.01 6.48 8.66
C LYS C 286 -22.81 6.18 7.38
N TYR C 287 -22.23 5.47 6.43
CA TYR C 287 -22.92 5.19 5.17
C TYR C 287 -22.48 3.87 4.54
N THR C 288 -23.00 3.60 3.34
CA THR C 288 -22.65 2.39 2.58
C THR C 288 -22.74 2.70 1.12
N PRO C 289 -22.05 1.91 0.29
CA PRO C 289 -22.06 2.10 -1.17
C PRO C 289 -23.48 1.99 -1.69
N GLN C 290 -24.26 1.09 -1.08
CA GLN C 290 -25.64 0.90 -1.50
C GLN C 290 -26.45 2.14 -1.14
N GLU C 291 -26.47 2.52 0.14
CA GLU C 291 -27.27 3.67 0.51
C GLU C 291 -26.82 4.97 -0.11
N LEU C 292 -25.53 5.12 -0.37
CA LEU C 292 -25.07 6.36 -0.98
C LEU C 292 -25.38 6.38 -2.49
N ARG C 293 -25.55 5.20 -3.09
CA ARG C 293 -25.85 5.18 -4.51
C ARG C 293 -27.33 5.53 -4.67
N GLU C 294 -28.07 5.37 -3.57
CA GLU C 294 -29.51 5.67 -3.53
C GLU C 294 -29.77 7.17 -3.60
N MET C 295 -29.19 7.93 -2.67
CA MET C 295 -29.37 9.38 -2.63
C MET C 295 -29.13 10.04 -3.97
N PRO C 296 -29.61 11.29 -4.14
CA PRO C 296 -29.44 12.01 -5.41
C PRO C 296 -28.15 12.83 -5.50
N LYS C 297 -27.82 13.27 -6.72
CA LYS C 297 -26.65 14.11 -6.99
C LYS C 297 -26.28 15.09 -5.88
N GLU C 298 -27.02 16.18 -5.78
CA GLU C 298 -26.75 17.21 -4.76
C GLU C 298 -26.10 16.63 -3.50
N GLU C 299 -26.64 15.53 -2.98
CA GLU C 299 -26.13 14.89 -1.76
C GLU C 299 -25.01 13.88 -2.03
N ARG C 300 -25.12 13.19 -3.16
CA ARG C 300 -24.13 12.20 -3.54
C ARG C 300 -22.76 12.85 -3.77
N THR C 301 -22.68 13.80 -4.71
CA THR C 301 -21.39 14.43 -4.99
C THR C 301 -20.84 15.18 -3.79
N ARG C 302 -21.70 15.79 -2.99
CA ARG C 302 -21.19 16.49 -1.82
C ARG C 302 -20.48 15.51 -0.89
N LEU C 303 -21.15 14.41 -0.55
CA LEU C 303 -20.53 13.42 0.34
C LEU C 303 -19.28 12.77 -0.22
N LEU C 304 -19.22 12.64 -1.55
CA LEU C 304 -18.06 12.07 -2.26
C LEU C 304 -16.91 13.06 -2.16
N ALA C 305 -17.16 14.29 -2.59
CA ALA C 305 -16.11 15.30 -2.49
C ALA C 305 -15.58 15.27 -1.06
N LEU C 306 -16.51 15.35 -0.10
CA LEU C 306 -16.15 15.30 1.31
C LEU C 306 -15.16 14.19 1.56
N HIS C 307 -15.55 12.96 1.20
CA HIS C 307 -14.67 11.81 1.40
C HIS C 307 -13.36 12.03 0.70
N ASN C 308 -13.39 12.36 -0.60
CA ASN C 308 -12.16 12.62 -1.35
C ASN C 308 -11.20 13.54 -0.60
N LEU C 309 -11.76 14.54 0.06
CA LEU C 309 -10.94 15.47 0.80
C LEU C 309 -10.31 14.75 1.96
N TRP C 310 -11.07 13.89 2.61
CA TRP C 310 -10.54 13.17 3.74
C TRP C 310 -9.40 12.24 3.43
N VAL C 311 -9.44 11.63 2.26
CA VAL C 311 -8.35 10.74 1.88
C VAL C 311 -7.17 11.66 1.56
N ILE C 312 -7.39 12.61 0.64
CA ILE C 312 -6.34 13.56 0.28
C ILE C 312 -5.62 13.96 1.57
N LYS C 313 -6.36 14.54 2.51
CA LYS C 313 -5.75 14.94 3.77
C LYS C 313 -4.99 13.77 4.38
N GLU C 314 -5.67 12.63 4.56
CA GLU C 314 -5.04 11.45 5.18
C GLU C 314 -3.69 11.06 4.56
N GLU C 315 -3.67 10.82 3.25
CA GLU C 315 -2.45 10.43 2.56
C GLU C 315 -1.34 11.42 2.87
N ILE C 316 -1.63 12.70 2.77
CA ILE C 316 -0.63 13.72 3.06
C ILE C 316 -0.01 13.51 4.45
N LYS C 317 -0.83 13.25 5.46
CA LYS C 317 -0.30 13.01 6.81
C LYS C 317 0.56 11.76 6.77
N ARG C 318 0.06 10.75 6.06
CA ARG C 318 0.74 9.47 5.89
C ARG C 318 2.16 9.79 5.44
N VAL C 319 2.26 10.52 4.35
CA VAL C 319 3.54 10.88 3.79
C VAL C 319 4.41 11.57 4.83
N LYS C 320 3.94 12.65 5.40
CA LYS C 320 4.71 13.37 6.40
C LYS C 320 5.20 12.43 7.47
N GLN C 321 4.37 11.50 7.90
CA GLN C 321 4.79 10.59 8.94
C GLN C 321 5.95 9.76 8.44
N ALA C 322 5.83 9.28 7.22
CA ALA C 322 6.90 8.48 6.62
C ALA C 322 8.21 9.28 6.64
N ILE C 323 8.17 10.52 6.19
CA ILE C 323 9.36 11.37 6.18
C ILE C 323 9.95 11.51 7.58
N LYS C 324 9.09 11.73 8.55
CA LYS C 324 9.51 11.89 9.91
C LYS C 324 10.23 10.65 10.43
N GLU C 325 9.88 9.48 9.90
CA GLU C 325 10.50 8.23 10.33
C GLU C 325 11.66 7.80 9.45
N GLY C 326 11.67 8.28 8.21
CA GLY C 326 12.72 7.92 7.28
C GLY C 326 12.35 6.71 6.44
N GLU C 327 11.06 6.62 6.12
CA GLU C 327 10.48 5.52 5.33
C GLU C 327 9.82 6.04 4.07
N LEU C 328 10.05 7.30 3.71
CA LEU C 328 9.38 7.80 2.53
C LEU C 328 9.46 6.83 1.36
N TRP C 329 10.66 6.29 1.10
CA TRP C 329 10.83 5.37 -0.03
C TRP C 329 9.99 4.08 0.06
N ARG C 330 9.85 3.53 1.25
CA ARG C 330 9.06 2.34 1.39
C ARG C 330 7.63 2.67 0.97
N LEU C 331 7.18 3.87 1.34
CA LEU C 331 5.84 4.31 1.00
C LEU C 331 5.64 4.54 -0.49
N VAL C 332 6.71 4.89 -1.19
CA VAL C 332 6.64 5.10 -2.63
C VAL C 332 6.58 3.70 -3.27
N ASP C 333 7.45 2.82 -2.79
CA ASP C 333 7.53 1.45 -3.26
C ASP C 333 6.18 0.75 -3.06
N GLU C 334 5.42 1.19 -2.05
CA GLU C 334 4.11 0.62 -1.80
C GLU C 334 3.13 1.24 -2.80
N ARG C 335 3.03 2.56 -2.80
CA ARG C 335 2.11 3.20 -3.72
C ARG C 335 2.48 2.91 -5.15
N ALA C 336 3.72 2.55 -5.42
CA ALA C 336 4.09 2.30 -6.81
C ALA C 336 3.33 1.14 -7.42
N ARG C 337 2.90 0.24 -6.54
CA ARG C 337 2.16 -0.94 -6.91
C ARG C 337 0.73 -0.62 -7.27
N SER C 338 0.28 0.58 -6.92
CA SER C 338 -1.09 1.02 -7.21
C SER C 338 -1.50 0.98 -8.67
N HIS C 339 -0.54 1.07 -9.59
CA HIS C 339 -0.89 1.03 -11.01
C HIS C 339 0.34 1.04 -11.91
N PRO C 340 0.39 0.17 -12.93
CA PRO C 340 1.50 0.04 -13.88
C PRO C 340 2.19 1.29 -14.29
N LYS C 341 1.45 2.23 -14.88
CA LYS C 341 2.08 3.45 -15.32
C LYS C 341 2.84 4.17 -14.20
N LEU C 342 2.35 4.08 -12.98
CA LEU C 342 3.05 4.75 -11.90
C LEU C 342 4.28 3.95 -11.50
N TYR C 343 4.19 2.61 -11.48
CA TYR C 343 5.31 1.74 -11.14
C TYR C 343 6.44 2.11 -12.09
N SER C 344 6.10 2.26 -13.36
CA SER C 344 7.09 2.64 -14.37
C SER C 344 7.84 3.88 -13.88
N ALA C 345 7.07 4.91 -13.59
CA ALA C 345 7.60 6.20 -13.15
C ALA C 345 8.57 6.05 -11.98
N TYR C 346 8.15 5.30 -10.97
CA TYR C 346 8.94 5.05 -9.75
C TYR C 346 10.25 4.42 -10.13
N LYS C 347 10.18 3.41 -11.00
CA LYS C 347 11.38 2.73 -11.45
C LYS C 347 12.31 3.73 -12.11
N ARG C 348 11.71 4.71 -12.79
CA ARG C 348 12.46 5.75 -13.47
C ARG C 348 13.06 6.74 -12.46
N LEU C 349 12.25 7.21 -11.52
CA LEU C 349 12.77 8.14 -10.52
C LEU C 349 14.08 7.56 -9.98
N LEU C 350 14.03 6.32 -9.52
CA LEU C 350 15.21 5.65 -8.96
C LEU C 350 16.44 5.64 -9.87
N GLU C 351 16.25 6.04 -11.13
CA GLU C 351 17.35 6.08 -12.08
C GLU C 351 18.21 7.27 -11.88
N HIS C 352 17.63 8.37 -11.41
CA HIS C 352 18.37 9.61 -11.19
C HIS C 352 19.20 9.63 -9.91
N TYR C 353 20.08 8.65 -9.75
CA TYR C 353 20.86 8.57 -8.52
C TYR C 353 21.43 9.86 -7.98
N THR C 354 22.25 10.49 -8.83
CA THR C 354 22.93 11.73 -8.49
C THR C 354 22.01 12.77 -7.93
N PHE C 355 20.81 12.89 -8.50
CA PHE C 355 19.88 13.87 -7.99
C PHE C 355 19.47 13.53 -6.58
N LEU C 356 19.02 12.30 -6.39
CA LEU C 356 18.56 11.89 -5.07
C LEU C 356 19.65 11.83 -4.02
N GLU C 357 20.79 11.28 -4.41
CA GLU C 357 21.91 11.12 -3.49
C GLU C 357 22.22 12.37 -2.73
N GLU C 358 22.37 13.46 -3.47
CA GLU C 358 22.70 14.74 -2.87
C GLU C 358 21.86 15.05 -1.66
N PHE C 359 20.54 14.98 -1.78
CA PHE C 359 19.69 15.30 -0.64
C PHE C 359 19.35 14.13 0.29
N GLU C 360 19.88 12.94 0.04
CA GLU C 360 19.56 11.79 0.91
C GLU C 360 20.30 11.73 2.23
N PRO C 361 19.58 11.94 3.34
CA PRO C 361 20.10 11.92 4.70
C PRO C 361 21.19 10.88 4.83
N ILE C 362 22.15 11.09 5.71
CA ILE C 362 23.25 10.15 5.83
C ILE C 362 22.91 9.00 6.76
N THR C 363 21.90 9.23 7.58
CA THR C 363 21.47 8.23 8.53
C THR C 363 20.02 8.56 8.77
N LYS C 364 19.22 7.58 9.14
CA LYS C 364 17.83 7.81 9.42
C LYS C 364 17.53 7.15 10.75
N LYS C 365 16.28 7.29 11.18
CA LYS C 365 15.86 6.74 12.46
C LYS C 365 15.48 5.26 12.36
N SER C 366 14.72 4.93 11.32
CA SER C 366 14.27 3.56 11.08
C SER C 366 15.10 2.83 10.02
N ALA C 367 15.26 1.54 10.21
CA ALA C 367 16.04 0.67 9.33
C ALA C 367 15.71 0.64 7.85
N LEU C 368 16.67 0.18 7.06
CA LEU C 368 16.50 0.07 5.62
C LEU C 368 15.77 -1.25 5.40
N PHE C 369 14.72 -1.24 4.59
CA PHE C 369 13.94 -2.46 4.34
C PHE C 369 14.04 -2.99 2.93
N LYS C 370 14.49 -4.23 2.79
CA LYS C 370 14.58 -4.81 1.46
C LYS C 370 13.19 -5.37 1.26
N ILE C 371 12.42 -4.78 0.37
CA ILE C 371 11.06 -5.27 0.18
C ILE C 371 10.64 -5.24 -1.27
N SER C 372 11.63 -5.13 -2.16
CA SER C 372 11.39 -5.13 -3.60
C SER C 372 12.71 -5.08 -4.32
N ASN C 373 12.68 -5.30 -5.63
CA ASN C 373 13.87 -5.27 -6.45
C ASN C 373 14.36 -3.85 -6.44
N GLU C 374 13.39 -2.96 -6.43
CA GLU C 374 13.63 -1.54 -6.47
C GLU C 374 14.31 -1.06 -5.19
N SER C 375 13.99 -1.72 -4.09
CA SER C 375 14.58 -1.39 -2.80
C SER C 375 16.10 -1.31 -2.96
N LEU C 376 16.67 -2.18 -3.77
CA LEU C 376 18.11 -2.21 -3.95
C LEU C 376 18.66 -1.11 -4.83
N ARG C 377 17.80 -0.25 -5.38
CA ARG C 377 18.27 0.87 -6.21
C ARG C 377 18.05 2.21 -5.50
N TRP C 378 17.53 2.09 -4.28
CA TRP C 378 17.29 3.23 -3.43
C TRP C 378 18.66 3.87 -3.22
N PRO C 379 18.74 5.21 -3.19
CA PRO C 379 19.98 5.98 -3.01
C PRO C 379 20.87 5.46 -1.89
N VAL C 380 20.32 5.40 -0.69
CA VAL C 380 21.08 4.95 0.47
C VAL C 380 21.77 3.61 0.32
N VAL C 381 21.38 2.85 -0.66
CA VAL C 381 22.01 1.58 -0.85
C VAL C 381 23.19 1.75 -1.76
N ARG C 382 22.94 2.29 -2.96
CA ARG C 382 24.00 2.52 -3.92
C ARG C 382 25.19 3.16 -3.24
N ARG C 383 24.90 4.22 -2.49
CA ARG C 383 25.89 4.98 -1.74
C ARG C 383 26.73 4.02 -0.95
N ALA C 384 26.14 3.52 0.12
CA ALA C 384 26.90 2.61 0.97
C ALA C 384 27.66 1.51 0.27
N LYS C 385 27.21 1.06 -0.89
CA LYS C 385 27.92 0.00 -1.61
C LYS C 385 29.25 0.53 -2.08
N GLU C 386 29.26 1.75 -2.63
CA GLU C 386 30.49 2.37 -3.13
C GLU C 386 31.27 2.91 -1.97
N ARG C 387 30.60 3.67 -1.13
CA ARG C 387 31.25 4.23 0.03
C ARG C 387 31.96 3.13 0.83
N ALA C 388 31.45 1.91 0.82
CA ALA C 388 32.09 0.84 1.59
C ALA C 388 33.17 0.08 0.82
N LYS C 389 33.19 0.23 -0.50
CA LYS C 389 34.15 -0.48 -1.33
C LYS C 389 35.56 -0.44 -0.80
N SER C 390 36.11 0.75 -0.63
CA SER C 390 37.48 0.85 -0.13
C SER C 390 37.65 0.25 1.26
N ILE C 391 36.81 0.61 2.22
CA ILE C 391 36.96 0.05 3.56
C ILE C 391 37.05 -1.45 3.53
N ASN C 392 36.30 -2.09 2.64
CA ASN C 392 36.35 -3.53 2.58
C ASN C 392 37.71 -4.05 2.22
N GLU C 393 38.36 -3.48 1.21
CA GLU C 393 39.69 -3.96 0.88
C GLU C 393 40.71 -3.63 1.98
N ARG C 394 40.84 -2.36 2.35
CA ARG C 394 41.80 -2.01 3.39
C ARG C 394 41.65 -2.94 4.59
N PHE C 395 40.49 -2.89 5.24
CA PHE C 395 40.30 -3.70 6.42
C PHE C 395 39.94 -5.16 6.26
N GLY C 396 39.19 -5.49 5.19
CA GLY C 396 38.84 -6.89 4.92
C GLY C 396 37.99 -7.59 5.95
N GLU C 397 38.30 -8.86 6.24
CA GLU C 397 37.51 -9.62 7.22
C GLU C 397 36.03 -9.37 6.93
N LEU C 398 35.60 -9.90 5.79
CA LEU C 398 34.23 -9.74 5.33
C LEU C 398 33.23 -10.72 5.94
N VAL C 399 31.98 -10.28 5.95
CA VAL C 399 30.85 -11.03 6.46
C VAL C 399 29.77 -10.89 5.37
N GLU C 400 28.97 -11.94 5.16
CA GLU C 400 27.89 -11.93 4.16
C GLU C 400 26.74 -11.01 4.57
N HIS C 401 26.20 -10.26 3.62
CA HIS C 401 25.08 -9.40 3.93
C HIS C 401 23.90 -9.62 2.98
N PRO C 402 22.70 -9.81 3.53
CA PRO C 402 21.49 -10.02 2.72
C PRO C 402 21.24 -8.95 1.68
N ILE C 403 21.73 -7.74 1.91
CA ILE C 403 21.48 -6.69 0.96
C ILE C 403 22.72 -6.25 0.18
N PHE C 404 23.88 -6.14 0.84
CA PHE C 404 25.11 -5.74 0.14
C PHE C 404 26.09 -6.90 -0.15
N GLY C 405 25.64 -8.11 0.13
CA GLY C 405 26.45 -9.28 -0.13
C GLY C 405 27.56 -9.52 0.84
N ARG C 406 28.59 -8.71 0.74
CA ARG C 406 29.74 -8.84 1.62
C ARG C 406 30.07 -7.46 2.15
N VAL C 407 30.56 -7.44 3.37
CA VAL C 407 30.87 -6.18 3.99
C VAL C 407 31.87 -6.51 5.09
N SER C 408 32.87 -5.65 5.26
CA SER C 408 33.85 -5.85 6.31
C SER C 408 33.18 -5.82 7.69
N ARG C 409 33.47 -6.80 8.55
CA ARG C 409 32.88 -6.80 9.87
C ARG C 409 33.08 -5.46 10.58
N TYR C 410 34.24 -4.85 10.41
CA TYR C 410 34.53 -3.58 11.02
C TYR C 410 33.39 -2.59 10.81
N LEU C 411 32.70 -2.70 9.69
CA LEU C 411 31.59 -1.79 9.43
C LEU C 411 30.24 -2.34 9.88
N SER C 412 30.17 -3.67 9.98
CA SER C 412 28.97 -4.39 10.38
C SER C 412 28.05 -3.86 11.48
N LEU C 413 28.34 -2.76 12.13
CA LEU C 413 27.34 -2.33 13.10
C LEU C 413 26.89 -0.90 12.89
N THR C 414 27.28 -0.33 11.75
CA THR C 414 26.91 1.03 11.43
C THR C 414 26.00 1.09 10.23
N TYR C 415 25.08 2.05 10.25
CA TYR C 415 24.09 2.27 9.21
C TYR C 415 24.64 2.39 7.79
N PRO C 416 23.94 1.79 6.80
CA PRO C 416 22.71 1.00 6.83
C PRO C 416 22.92 -0.52 6.92
N PHE C 417 24.14 -0.96 7.21
CA PHE C 417 24.46 -2.38 7.24
C PHE C 417 23.83 -3.17 8.37
N ALA C 418 23.88 -2.62 9.56
CA ALA C 418 23.31 -3.32 10.67
C ALA C 418 21.87 -2.92 10.77
N GLN C 419 21.50 -1.82 10.13
CA GLN C 419 20.15 -1.35 10.23
C GLN C 419 19.36 -1.68 9.00
N SER C 420 19.49 -2.91 8.54
CA SER C 420 18.74 -3.33 7.39
C SER C 420 17.94 -4.55 7.76
N GLU C 421 16.85 -4.79 7.05
CA GLU C 421 16.05 -5.97 7.29
C GLU C 421 15.67 -6.54 5.95
N ALA C 422 15.87 -7.83 5.78
CA ALA C 422 15.51 -8.47 4.53
C ALA C 422 15.20 -9.93 4.82
N GLU C 423 14.51 -10.60 3.90
CA GLU C 423 14.14 -12.01 4.09
C GLU C 423 15.06 -12.73 5.06
N ASP C 424 16.28 -13.01 4.62
CA ASP C 424 17.26 -13.65 5.48
C ASP C 424 17.84 -12.59 6.41
N ASP C 425 18.23 -12.96 7.62
CA ASP C 425 18.77 -11.95 8.54
C ASP C 425 20.27 -11.79 8.58
N PHE C 426 20.71 -10.59 8.90
CA PHE C 426 22.13 -10.28 8.98
C PHE C 426 22.61 -10.38 10.42
N LYS C 427 23.58 -11.25 10.65
CA LYS C 427 24.13 -11.43 11.99
C LYS C 427 25.36 -10.54 12.07
N ILE C 428 25.30 -9.53 12.94
CA ILE C 428 26.41 -8.60 13.11
C ILE C 428 27.57 -9.25 13.86
N GLU C 429 28.70 -8.55 13.97
CA GLU C 429 29.88 -9.07 14.67
C GLU C 429 30.44 -8.02 15.59
N LYS C 430 30.26 -8.20 16.88
CA LYS C 430 30.79 -7.24 17.83
C LYS C 430 32.32 -7.37 17.85
N PRO C 431 33.03 -6.25 18.02
CA PRO C 431 34.48 -6.27 18.04
C PRO C 431 35.05 -7.00 19.25
N THR C 432 36.38 -7.06 19.30
CA THR C 432 37.10 -7.68 20.41
C THR C 432 38.27 -6.76 20.70
N LYS C 433 38.29 -6.20 21.92
CA LYS C 433 39.33 -5.28 22.41
C LYS C 433 40.47 -4.98 21.45
N GLU C 434 41.13 -6.04 20.98
CA GLU C 434 42.23 -5.94 20.03
C GLU C 434 41.86 -5.29 18.68
N ASP C 435 40.60 -5.42 18.24
CA ASP C 435 40.24 -4.76 16.98
C ASP C 435 39.26 -3.64 17.16
N ALA C 436 38.69 -3.57 18.36
CA ALA C 436 37.75 -2.51 18.69
C ALA C 436 38.08 -1.19 17.97
N ILE C 437 39.35 -0.94 17.72
CA ILE C 437 39.78 0.27 17.04
C ILE C 437 39.50 0.22 15.55
N LYS C 438 39.93 -0.85 14.91
CA LYS C 438 39.74 -1.00 13.49
C LYS C 438 38.28 -0.72 13.12
N TYR C 439 37.36 -1.00 14.05
CA TYR C 439 35.95 -0.70 13.79
C TYR C 439 35.85 0.80 13.62
N VAL C 440 36.39 1.54 14.58
CA VAL C 440 36.36 3.00 14.54
C VAL C 440 37.03 3.51 13.27
N MET C 441 38.26 3.08 13.05
CA MET C 441 39.00 3.47 11.86
C MET C 441 38.13 3.28 10.64
N ALA C 442 37.49 2.13 10.57
CA ALA C 442 36.59 1.82 9.47
C ALA C 442 35.37 2.79 9.49
N ILE C 443 34.64 2.80 10.60
CA ILE C 443 33.51 3.67 10.69
C ILE C 443 33.90 5.09 10.33
N ALA C 444 35.18 5.43 10.51
CA ALA C 444 35.64 6.78 10.22
C ALA C 444 35.95 7.03 8.77
N GLU C 445 36.70 6.14 8.15
CA GLU C 445 37.05 6.32 6.75
C GLU C 445 35.79 6.19 5.92
N TYR C 446 34.81 5.49 6.48
CA TYR C 446 33.52 5.29 5.83
C TYR C 446 32.65 6.54 6.01
N GLN C 447 32.61 7.05 7.24
CA GLN C 447 31.80 8.21 7.54
C GLN C 447 32.35 9.56 7.13
N PHE C 448 33.66 9.73 7.21
CA PHE C 448 34.32 10.99 6.90
C PHE C 448 35.05 11.09 5.58
N GLY C 449 35.64 9.98 5.15
CA GLY C 449 36.30 10.00 3.86
C GLY C 449 37.66 9.37 3.84
N GLU C 450 38.14 9.03 2.64
CA GLU C 450 39.45 8.44 2.54
C GLU C 450 40.36 9.38 3.31
N GLY C 451 40.80 8.92 4.49
CA GLY C 451 41.67 9.71 5.32
C GLY C 451 41.38 9.64 6.81
N ALA C 452 40.21 10.12 7.19
CA ALA C 452 39.75 10.19 8.58
C ALA C 452 40.35 9.20 9.57
N SER C 453 40.63 7.99 9.10
CA SER C 453 41.19 6.93 9.93
C SER C 453 42.25 7.45 10.87
N ARG C 454 43.20 8.20 10.30
CA ARG C 454 44.35 8.79 10.98
C ARG C 454 44.06 9.66 12.18
N ALA C 455 43.00 10.46 12.10
CA ALA C 455 42.67 11.32 13.21
C ALA C 455 42.33 10.52 14.44
N PHE C 456 42.40 9.19 14.32
CA PHE C 456 42.10 8.27 15.41
C PHE C 456 43.21 7.23 15.59
N ASP C 457 44.18 7.23 14.66
CA ASP C 457 45.29 6.29 14.67
C ASP C 457 45.52 5.57 15.99
N ASP C 458 45.87 6.32 17.02
CA ASP C 458 46.10 5.72 18.32
C ASP C 458 45.01 6.22 19.24
N ALA C 459 44.10 5.33 19.60
CA ALA C 459 42.99 5.70 20.47
C ALA C 459 42.56 4.55 21.35
N LYS C 460 41.59 4.82 22.22
CA LYS C 460 41.06 3.79 23.11
C LYS C 460 39.55 3.67 22.89
N VAL C 461 39.09 2.44 22.65
CA VAL C 461 37.69 2.17 22.39
C VAL C 461 37.09 1.45 23.58
N GLU C 462 36.14 2.08 24.26
CA GLU C 462 35.49 1.44 25.40
C GLU C 462 34.36 0.59 24.84
N LEU C 463 34.06 -0.50 25.52
CA LEU C 463 32.99 -1.39 25.09
C LEU C 463 31.90 -1.39 26.16
N SER C 464 30.64 -1.36 25.75
CA SER C 464 29.59 -1.33 26.76
C SER C 464 29.31 -2.72 27.31
N LYS C 465 28.40 -2.80 28.28
CA LYS C 465 28.03 -4.07 28.91
C LYS C 465 27.44 -5.04 27.91
N THR C 466 27.29 -4.58 26.66
CA THR C 466 26.77 -5.42 25.59
C THR C 466 27.91 -5.97 24.75
N GLY C 467 28.90 -5.13 24.48
CA GLY C 467 30.03 -5.58 23.71
C GLY C 467 30.18 -4.65 22.54
N MET C 468 29.37 -3.59 22.57
CA MET C 468 29.32 -2.56 21.54
C MET C 468 30.32 -1.41 21.75
N PRO C 469 31.11 -1.08 20.71
CA PRO C 469 32.11 -0.01 20.74
C PRO C 469 31.42 1.31 20.90
N ARG C 470 31.62 1.98 22.04
CA ARG C 470 30.98 3.26 22.29
C ARG C 470 31.88 4.52 22.29
N GLN C 471 32.45 4.87 23.44
CA GLN C 471 33.30 6.06 23.53
C GLN C 471 34.76 5.81 23.15
N VAL C 472 35.32 6.63 22.26
CA VAL C 472 36.74 6.53 21.85
C VAL C 472 37.49 7.73 22.36
N LYS C 473 38.57 7.49 23.10
CA LYS C 473 39.33 8.60 23.63
C LYS C 473 40.81 8.32 23.62
N VAL C 474 41.61 9.38 23.59
CA VAL C 474 43.07 9.25 23.62
C VAL C 474 43.58 9.94 24.86
N ASN C 475 44.52 9.29 25.54
CA ASN C 475 45.05 9.85 26.76
C ASN C 475 43.90 9.95 27.76
N GLY C 476 43.35 11.15 27.86
CA GLY C 476 42.25 11.37 28.78
C GLY C 476 40.98 11.87 28.12
N LYS C 477 41.12 12.57 27.00
CA LYS C 477 39.95 13.10 26.32
C LYS C 477 39.43 12.31 25.13
N ARG C 478 38.11 12.39 24.95
CA ARG C 478 37.41 11.68 23.90
C ARG C 478 37.40 12.35 22.55
N LEU C 479 37.89 11.65 21.55
CA LEU C 479 37.87 12.15 20.21
C LEU C 479 36.41 12.18 19.79
N ALA C 480 35.75 11.02 19.89
CA ALA C 480 34.34 10.85 19.51
C ALA C 480 33.59 9.70 20.24
N THR C 481 32.35 9.46 19.82
CA THR C 481 31.49 8.40 20.38
C THR C 481 30.75 7.65 19.25
N VAL C 482 30.69 6.32 19.37
CA VAL C 482 30.01 5.50 18.37
C VAL C 482 28.53 5.47 18.73
N ARG C 483 27.78 6.45 18.26
CA ARG C 483 26.35 6.56 18.53
C ARG C 483 25.63 5.23 18.47
N ALA C 484 24.88 4.88 19.52
CA ALA C 484 24.19 3.59 19.56
C ALA C 484 23.24 3.31 18.41
N ASP C 485 22.28 4.21 18.19
CA ASP C 485 21.26 4.14 17.12
C ASP C 485 21.78 3.57 15.84
N ASP C 486 22.65 4.36 15.21
CA ASP C 486 23.23 3.98 13.91
C ASP C 486 24.70 3.69 13.79
N GLY C 487 25.36 3.47 14.91
CA GLY C 487 26.77 3.10 14.88
C GLY C 487 27.72 4.01 14.16
N LEU C 488 27.33 5.28 14.03
CA LEU C 488 28.21 6.27 13.40
C LEU C 488 28.99 7.06 14.47
N LEU C 489 29.84 7.98 14.04
CA LEU C 489 30.62 8.73 14.99
C LEU C 489 30.11 10.12 15.25
N THR C 490 29.97 10.46 16.53
CA THR C 490 29.54 11.78 16.92
C THR C 490 30.82 12.40 17.47
N LEU C 491 31.32 13.40 16.77
CA LEU C 491 32.56 14.06 17.15
C LEU C 491 32.52 14.88 18.40
N GLY C 492 33.61 14.78 19.14
CA GLY C 492 33.75 15.52 20.38
C GLY C 492 34.91 16.49 20.35
N ILE C 493 34.62 17.71 19.89
CA ILE C 493 35.60 18.78 19.82
C ILE C 493 37.03 18.35 19.59
N GLU C 494 37.67 17.79 20.62
CA GLU C 494 39.04 17.34 20.51
C GLU C 494 39.20 16.50 19.23
N GLY C 495 38.23 15.63 18.98
CA GLY C 495 38.25 14.80 17.78
C GLY C 495 38.09 15.67 16.56
N ALA C 496 37.17 16.63 16.63
CA ALA C 496 36.92 17.55 15.53
C ALA C 496 38.24 18.18 15.06
N LYS C 497 38.97 18.72 16.02
CA LYS C 497 40.25 19.36 15.80
C LYS C 497 41.17 18.34 15.17
N ARG C 498 41.30 17.20 15.84
CA ARG C 498 42.18 16.16 15.33
C ARG C 498 41.88 15.83 13.88
N LEU C 499 40.62 15.90 13.52
CA LEU C 499 40.23 15.60 12.16
C LEU C 499 40.59 16.76 11.24
N HIS C 500 40.01 17.92 11.55
CA HIS C 500 40.24 19.13 10.78
C HIS C 500 41.68 19.19 10.26
N ARG C 501 42.62 18.74 11.10
CA ARG C 501 44.04 18.74 10.80
C ARG C 501 44.45 17.71 9.75
N VAL C 502 43.85 16.53 9.82
CA VAL C 502 44.11 15.40 8.92
C VAL C 502 43.34 15.46 7.59
N LEU C 503 42.26 16.24 7.59
CA LEU C 503 41.43 16.37 6.40
C LEU C 503 41.55 17.73 5.77
N PRO C 504 42.03 17.76 4.52
CA PRO C 504 42.21 18.97 3.71
C PRO C 504 40.92 19.75 3.53
N TYR C 505 41.01 21.04 3.30
CA TYR C 505 39.82 21.86 3.14
C TYR C 505 39.37 21.66 1.70
N PRO C 506 38.06 21.76 1.42
CA PRO C 506 36.89 22.04 2.28
C PRO C 506 36.23 20.84 2.96
N ARG C 507 36.91 19.71 2.94
CA ARG C 507 36.30 18.52 3.47
C ARG C 507 35.57 18.62 4.78
N MET C 508 34.26 18.37 4.67
CA MET C 508 33.33 18.36 5.79
C MET C 508 33.39 19.63 6.61
N ARG C 509 33.37 20.77 5.92
CA ARG C 509 33.43 22.03 6.61
C ARG C 509 32.30 22.97 6.30
N VAL C 510 31.99 23.82 7.26
CA VAL C 510 30.97 24.84 7.08
C VAL C 510 31.62 26.16 7.42
N VAL C 511 31.59 27.11 6.49
CA VAL C 511 32.19 28.42 6.73
C VAL C 511 31.16 29.52 7.01
N VAL C 512 31.26 30.04 8.22
CA VAL C 512 30.37 31.07 8.72
C VAL C 512 30.88 32.52 8.65
N ASN C 513 29.96 33.43 8.29
CA ASN C 513 30.32 34.84 8.17
C ASN C 513 30.85 35.36 9.50
N LYS C 514 31.66 36.42 9.41
CA LYS C 514 32.30 37.05 10.58
C LYS C 514 31.33 37.26 11.74
N GLU C 515 30.15 37.78 11.42
CA GLU C 515 29.10 38.05 12.39
C GLU C 515 28.78 36.83 13.25
N ALA C 516 28.74 35.65 12.62
CA ALA C 516 28.44 34.38 13.28
C ALA C 516 29.60 33.75 14.01
N GLU C 517 30.81 33.95 13.49
CA GLU C 517 32.02 33.38 14.08
C GLU C 517 32.07 33.43 15.59
N PRO C 518 31.52 34.47 16.22
CA PRO C 518 31.55 34.58 17.67
C PRO C 518 30.87 33.40 18.34
N PHE C 519 29.58 33.27 18.05
CA PHE C 519 28.77 32.21 18.61
C PHE C 519 29.29 30.79 18.38
N ALA C 520 29.51 30.42 17.12
CA ALA C 520 30.02 29.10 16.82
C ALA C 520 31.02 28.71 17.90
N ARG C 521 32.02 29.55 18.13
CA ARG C 521 33.01 29.27 19.15
C ARG C 521 32.36 28.88 20.49
N LYS C 522 31.29 29.56 20.88
CA LYS C 522 30.61 29.28 22.15
C LYS C 522 29.88 27.94 22.20
N GLY C 523 29.23 27.58 21.11
CA GLY C 523 28.53 26.31 21.07
C GLY C 523 27.10 26.46 20.62
N LYS C 524 26.70 27.68 20.33
CA LYS C 524 25.34 27.92 19.88
C LYS C 524 25.19 27.55 18.40
N ASP C 525 24.03 27.03 18.03
CA ASP C 525 23.79 26.59 16.66
C ASP C 525 24.06 27.64 15.57
N VAL C 526 24.30 27.16 14.35
CA VAL C 526 24.58 28.01 13.20
C VAL C 526 23.31 28.14 12.39
N PHE C 527 22.99 29.34 11.89
CA PHE C 527 21.77 29.50 11.08
C PHE C 527 22.04 29.74 9.61
N ALA C 528 21.49 28.88 8.77
CA ALA C 528 21.62 28.93 7.33
C ALA C 528 22.10 30.25 6.75
N LYS C 529 21.45 31.35 7.16
CA LYS C 529 21.76 32.70 6.68
C LYS C 529 23.24 33.07 6.71
N PHE C 530 23.90 32.73 7.81
CA PHE C 530 25.31 33.04 7.99
C PHE C 530 26.32 32.05 7.42
N VAL C 531 25.98 31.27 6.41
CA VAL C 531 26.97 30.32 5.91
C VAL C 531 27.51 30.83 4.62
N ILE C 532 28.81 31.03 4.54
CA ILE C 532 29.36 31.57 3.31
C ILE C 532 29.58 30.47 2.27
N PHE C 533 29.91 29.29 2.77
CA PHE C 533 30.19 28.14 1.91
C PHE C 533 30.48 26.90 2.76
N ALA C 534 30.16 25.73 2.22
CA ALA C 534 30.39 24.50 2.94
C ALA C 534 30.60 23.35 1.96
N ASP C 535 31.36 22.36 2.40
CA ASP C 535 31.69 21.20 1.58
C ASP C 535 30.47 20.71 0.88
N PRO C 536 30.51 20.57 -0.45
CA PRO C 536 29.37 20.09 -1.23
C PRO C 536 28.90 18.66 -0.84
N GLY C 537 29.86 17.79 -0.61
CA GLY C 537 29.55 16.43 -0.24
C GLY C 537 28.90 16.28 1.13
N ILE C 538 28.42 17.39 1.69
CA ILE C 538 27.80 17.29 2.99
C ILE C 538 26.37 16.93 2.77
N ARG C 539 25.92 15.92 3.54
CA ARG C 539 24.55 15.43 3.49
C ARG C 539 23.98 15.52 4.88
N PRO C 540 22.68 15.75 4.96
CA PRO C 540 21.94 15.87 6.21
C PRO C 540 22.37 14.90 7.29
N TYR C 541 22.43 15.38 8.52
CA TYR C 541 22.78 14.60 9.70
C TYR C 541 24.21 14.02 9.68
N ASP C 542 25.03 14.70 8.88
CA ASP C 542 26.43 14.37 8.75
C ASP C 542 27.12 14.99 9.94
N GLU C 543 28.20 14.40 10.42
CA GLU C 543 28.88 15.03 11.53
C GLU C 543 29.83 15.99 10.84
N VAL C 544 29.70 17.29 11.15
CA VAL C 544 30.53 18.25 10.44
C VAL C 544 31.41 19.25 11.25
N LEU C 545 32.40 19.85 10.56
CA LEU C 545 33.36 20.81 11.15
C LEU C 545 32.99 22.26 10.85
N VAL C 546 32.70 23.03 11.90
CA VAL C 546 32.36 24.43 11.73
C VAL C 546 33.69 25.14 11.72
N VAL C 547 33.88 26.04 10.75
CA VAL C 547 35.13 26.81 10.65
C VAL C 547 34.83 28.24 10.26
N ASN C 548 35.82 29.10 10.46
CA ASN C 548 35.68 30.50 10.12
C ASN C 548 36.28 30.67 8.73
N GLU C 549 35.94 31.77 8.09
CA GLU C 549 36.43 32.04 6.75
C GLU C 549 37.93 31.78 6.55
N ASN C 550 38.69 31.73 7.63
CA ASN C 550 40.12 31.49 7.53
C ASN C 550 40.50 30.07 7.86
N ASP C 551 39.48 29.23 7.95
CA ASP C 551 39.67 27.82 8.26
C ASP C 551 40.19 27.55 9.67
N GLU C 552 39.58 28.19 10.66
CA GLU C 552 39.94 27.98 12.05
C GLU C 552 38.74 27.25 12.64
N LEU C 553 38.99 26.11 13.25
CA LEU C 553 37.93 25.32 13.84
C LEU C 553 37.12 26.16 14.82
N LEU C 554 35.81 26.26 14.61
CA LEU C 554 34.96 27.06 15.48
C LEU C 554 34.04 26.19 16.34
N ALA C 555 33.74 24.98 15.85
CA ALA C 555 32.87 24.00 16.56
C ALA C 555 32.47 22.84 15.68
N THR C 556 31.83 21.85 16.30
CA THR C 556 31.39 20.67 15.58
C THR C 556 29.91 20.41 15.91
N GLY C 557 29.16 19.93 14.92
CA GLY C 557 27.75 19.69 15.13
C GLY C 557 27.13 18.66 14.21
N GLN C 558 25.86 18.86 13.86
CA GLN C 558 25.13 17.97 12.98
C GLN C 558 24.49 18.75 11.84
N ALA C 559 24.95 18.50 10.62
CA ALA C 559 24.43 19.21 9.46
C ALA C 559 22.96 18.98 9.44
N LEU C 560 22.23 19.85 8.75
CA LEU C 560 20.80 19.69 8.64
C LEU C 560 20.43 19.92 7.20
N LEU C 561 21.43 20.15 6.38
CA LEU C 561 21.17 20.35 4.97
C LEU C 561 22.38 19.89 4.19
N SER C 562 22.17 19.56 2.92
CA SER C 562 23.26 19.16 2.08
C SER C 562 24.12 20.41 2.10
N GLY C 563 25.39 20.29 1.76
CA GLY C 563 26.23 21.46 1.73
C GLY C 563 25.60 22.50 0.81
N ARG C 564 25.58 22.22 -0.48
CA ARG C 564 25.01 23.12 -1.47
C ARG C 564 23.79 23.81 -0.95
N GLU C 565 23.12 23.19 0.01
CA GLU C 565 21.90 23.71 0.61
C GLU C 565 22.05 24.83 1.64
N MET C 566 23.08 24.75 2.48
CA MET C 566 23.33 25.79 3.49
C MET C 566 23.72 27.10 2.81
N ILE C 567 24.54 26.98 1.79
CA ILE C 567 24.97 28.11 1.02
C ILE C 567 23.77 28.96 0.52
N VAL C 568 22.62 28.34 0.25
CA VAL C 568 21.54 29.16 -0.27
C VAL C 568 20.35 29.46 0.60
N PHE C 569 20.20 28.75 1.71
CA PHE C 569 19.06 29.00 2.58
C PHE C 569 19.24 30.22 3.45
N GLN C 570 18.18 31.01 3.60
CA GLN C 570 18.29 32.17 4.44
C GLN C 570 17.58 32.03 5.77
N TYR C 571 16.50 31.28 5.80
CA TYR C 571 15.79 31.05 7.05
C TYR C 571 16.27 29.67 7.48
N GLY C 572 15.86 29.21 8.65
CA GLY C 572 16.27 27.90 9.11
C GLY C 572 17.71 27.73 9.57
N ARG C 573 17.93 26.68 10.38
CA ARG C 573 19.22 26.34 10.95
C ARG C 573 20.02 25.48 10.00
N ALA C 574 21.33 25.69 9.98
CA ALA C 574 22.22 24.89 9.12
C ALA C 574 22.93 23.80 9.92
N VAL C 575 23.38 24.09 11.12
CA VAL C 575 24.04 23.06 11.88
C VAL C 575 23.54 23.07 13.29
N LYS C 576 23.45 21.89 13.87
CA LYS C 576 23.02 21.78 15.24
C LYS C 576 24.31 21.50 15.97
N VAL C 577 24.92 22.58 16.40
CA VAL C 577 26.19 22.54 17.10
C VAL C 577 26.19 21.75 18.39
N ARG C 578 27.15 20.84 18.51
CA ARG C 578 27.30 20.04 19.72
C ARG C 578 28.18 20.85 20.66
N LYS C 579 29.49 20.79 20.45
CA LYS C 579 30.42 21.55 21.27
C LYS C 579 31.14 22.69 20.52
N GLY C 580 31.47 23.73 21.28
CA GLY C 580 32.16 24.88 20.73
C GLY C 580 33.64 24.74 21.07
N VAL C 581 34.50 25.35 20.26
CA VAL C 581 35.94 25.25 20.48
C VAL C 581 36.38 26.01 21.73
N GLU C 582 35.48 26.83 22.26
CA GLU C 582 35.76 27.58 23.45
C GLU C 582 34.61 27.39 24.45
N MET D 7 -24.40 -28.66 11.97
CA MET D 7 -25.51 -27.73 11.63
C MET D 7 -25.02 -26.31 11.29
N LEU D 8 -24.03 -26.18 10.41
CA LEU D 8 -23.50 -24.86 10.04
C LEU D 8 -23.38 -24.71 8.53
N LYS D 9 -23.99 -23.67 7.99
CA LYS D 9 -23.97 -23.47 6.54
C LYS D 9 -22.84 -22.58 6.04
N PHE D 10 -22.28 -22.90 4.88
CA PHE D 10 -21.21 -22.10 4.30
C PHE D 10 -21.21 -22.16 2.77
N GLU D 11 -21.42 -21.00 2.14
CA GLU D 11 -21.47 -20.90 0.69
C GLU D 11 -20.56 -19.80 0.17
N ILE D 12 -19.86 -20.09 -0.92
CA ILE D 12 -18.93 -19.14 -1.56
C ILE D 12 -19.66 -18.07 -2.37
N LYS D 13 -19.74 -16.86 -1.84
CA LYS D 13 -20.42 -15.78 -2.56
C LYS D 13 -19.63 -15.33 -3.78
N ALA D 14 -18.48 -14.71 -3.52
CA ALA D 14 -17.60 -14.25 -4.60
C ALA D 14 -16.19 -14.79 -4.33
N ARG D 15 -15.37 -14.85 -5.37
CA ARG D 15 -14.02 -15.35 -5.16
C ARG D 15 -12.93 -14.83 -6.09
N ASP D 16 -11.72 -14.93 -5.55
CA ASP D 16 -10.51 -14.52 -6.24
C ASP D 16 -9.34 -15.21 -5.54
N GLY D 17 -8.19 -15.17 -6.21
CA GLY D 17 -7.00 -15.80 -5.67
C GLY D 17 -7.21 -17.26 -5.33
N ALA D 18 -7.36 -17.51 -4.05
CA ALA D 18 -7.57 -18.85 -3.56
C ALA D 18 -8.44 -18.65 -2.37
N GLY D 19 -8.85 -17.41 -2.20
CA GLY D 19 -9.71 -17.07 -1.09
C GLY D 19 -11.07 -16.68 -1.66
N ARG D 20 -11.97 -16.28 -0.77
CA ARG D 20 -13.29 -15.90 -1.22
C ARG D 20 -14.18 -15.32 -0.11
N ILE D 21 -15.14 -14.48 -0.52
CA ILE D 21 -16.08 -13.89 0.42
C ILE D 21 -17.25 -14.84 0.47
N GLY D 22 -17.60 -15.28 1.66
CA GLY D 22 -18.70 -16.23 1.78
C GLY D 22 -19.80 -15.84 2.75
N LYS D 23 -20.90 -16.58 2.66
CA LYS D 23 -22.07 -16.39 3.52
C LYS D 23 -22.03 -17.50 4.57
N LEU D 24 -21.98 -17.13 5.83
CA LEU D 24 -21.93 -18.12 6.89
C LEU D 24 -23.14 -18.01 7.82
N GLU D 25 -23.80 -19.13 8.06
CA GLU D 25 -24.98 -19.12 8.90
C GLU D 25 -24.96 -20.14 10.01
N VAL D 26 -25.14 -19.64 11.22
CA VAL D 26 -25.15 -20.47 12.42
C VAL D 26 -26.29 -20.01 13.32
N ASN D 27 -27.20 -20.92 13.66
CA ASN D 27 -28.31 -20.56 14.53
C ASN D 27 -29.09 -19.37 14.01
N GLY D 28 -29.40 -19.35 12.73
CA GLY D 28 -30.16 -18.26 12.16
C GLY D 28 -29.43 -16.94 11.96
N LYS D 29 -28.33 -16.73 12.69
CA LYS D 29 -27.54 -15.49 12.59
C LYS D 29 -26.58 -15.58 11.41
N LYS D 30 -26.73 -14.65 10.45
CA LYS D 30 -25.90 -14.58 9.25
C LYS D 30 -24.72 -13.63 9.44
N ILE D 31 -23.65 -13.89 8.69
CA ILE D 31 -22.43 -13.12 8.75
C ILE D 31 -21.79 -13.26 7.36
N GLU D 32 -20.64 -12.66 7.16
CA GLU D 32 -20.00 -12.75 5.85
C GLU D 32 -18.50 -12.86 6.03
N THR D 33 -17.85 -13.79 5.34
CA THR D 33 -16.40 -13.93 5.47
C THR D 33 -15.75 -13.45 4.18
N PRO D 34 -14.48 -13.03 4.26
CA PRO D 34 -13.59 -12.96 5.42
C PRO D 34 -14.17 -12.16 6.56
N ALA D 35 -13.82 -12.52 7.79
CA ALA D 35 -14.33 -11.80 8.93
C ALA D 35 -13.50 -12.04 10.19
N ILE D 36 -13.24 -10.99 10.95
CA ILE D 36 -12.42 -11.12 12.15
C ILE D 36 -13.22 -11.05 13.44
N MET D 37 -12.92 -11.95 14.36
CA MET D 37 -13.60 -11.94 15.63
C MET D 37 -12.73 -11.46 16.75
N PRO D 38 -13.13 -10.35 17.38
CA PRO D 38 -12.38 -9.77 18.50
C PRO D 38 -12.36 -10.66 19.74
N VAL D 39 -11.18 -11.06 20.17
CA VAL D 39 -11.07 -11.89 21.35
C VAL D 39 -11.38 -11.01 22.57
N VAL D 40 -12.29 -11.47 23.41
CA VAL D 40 -12.66 -10.70 24.60
C VAL D 40 -12.52 -11.51 25.89
N ASN D 41 -11.88 -10.92 26.90
CA ASN D 41 -11.71 -11.56 28.20
C ASN D 41 -12.64 -10.83 29.16
N PRO D 42 -13.85 -11.39 29.39
CA PRO D 42 -14.96 -10.93 30.25
C PRO D 42 -14.62 -10.14 31.50
N LYS D 43 -13.80 -10.72 32.36
CA LYS D 43 -13.43 -10.05 33.59
C LYS D 43 -13.07 -8.57 33.39
N GLN D 44 -12.13 -8.28 32.50
CA GLN D 44 -11.72 -6.90 32.24
C GLN D 44 -11.85 -6.55 30.75
N MET D 45 -13.03 -6.08 30.35
CA MET D 45 -13.25 -5.74 28.95
C MET D 45 -12.95 -4.29 28.59
N VAL D 46 -11.95 -4.11 27.74
CA VAL D 46 -11.53 -2.79 27.30
C VAL D 46 -12.62 -2.14 26.46
N VAL D 47 -13.38 -2.97 25.76
CA VAL D 47 -14.47 -2.50 24.93
C VAL D 47 -15.52 -3.59 25.05
N GLU D 48 -16.74 -3.22 25.41
CA GLU D 48 -17.82 -4.18 25.58
C GLU D 48 -18.49 -4.59 24.28
N PRO D 49 -18.91 -5.85 24.21
CA PRO D 49 -19.58 -6.40 23.02
C PRO D 49 -20.67 -5.44 22.59
N LYS D 50 -21.30 -4.83 23.60
CA LYS D 50 -22.37 -3.89 23.38
C LYS D 50 -22.01 -3.03 22.17
N GLU D 51 -20.81 -2.43 22.21
CA GLU D 51 -20.31 -1.55 21.13
C GLU D 51 -19.81 -2.30 19.94
N LEU D 52 -18.99 -3.30 20.21
CA LEU D 52 -18.42 -4.09 19.13
C LEU D 52 -19.51 -4.38 18.14
N GLU D 53 -20.65 -4.84 18.63
CA GLU D 53 -21.72 -5.14 17.72
C GLU D 53 -22.20 -3.87 17.05
N LYS D 54 -22.24 -2.79 17.83
CA LYS D 54 -22.68 -1.49 17.32
C LYS D 54 -21.78 -1.10 16.15
N MET D 55 -20.51 -1.48 16.29
CA MET D 55 -19.50 -1.16 15.29
C MET D 55 -19.63 -1.90 13.96
N GLY D 56 -19.70 -3.23 14.01
CA GLY D 56 -19.83 -3.97 12.77
C GLY D 56 -19.57 -5.45 13.01
N PHE D 57 -18.99 -5.74 14.17
CA PHE D 57 -18.64 -7.09 14.57
C PHE D 57 -19.87 -7.94 14.88
N GLU D 58 -20.36 -8.67 13.90
CA GLU D 58 -21.54 -9.52 14.09
C GLU D 58 -21.18 -10.84 14.73
N ILE D 59 -19.91 -10.97 15.09
CA ILE D 59 -19.39 -12.20 15.69
C ILE D 59 -18.15 -11.94 16.51
N ILE D 60 -17.99 -12.68 17.59
CA ILE D 60 -16.82 -12.51 18.42
C ILE D 60 -16.42 -13.81 19.05
N ILE D 61 -15.58 -13.75 20.07
CA ILE D 61 -15.13 -14.95 20.74
C ILE D 61 -14.58 -14.63 22.11
N THR D 62 -14.74 -15.56 23.04
CA THR D 62 -14.24 -15.38 24.39
C THR D 62 -13.60 -16.69 24.83
N ASN D 63 -12.98 -16.70 26.01
CA ASN D 63 -12.33 -17.92 26.46
C ASN D 63 -13.12 -18.72 27.49
N SER D 64 -13.86 -19.69 27.00
CA SER D 64 -14.68 -20.51 27.87
C SER D 64 -13.90 -21.02 29.07
N TYR D 65 -12.70 -21.54 28.84
CA TYR D 65 -11.91 -22.07 29.95
C TYR D 65 -11.61 -21.04 31.02
N ILE D 66 -11.52 -19.77 30.62
CA ILE D 66 -11.25 -18.66 31.55
C ILE D 66 -12.43 -18.49 32.48
N ILE D 67 -13.59 -18.81 31.93
CA ILE D 67 -14.89 -18.75 32.58
C ILE D 67 -15.07 -19.90 33.57
N TYR D 68 -14.89 -21.11 33.05
CA TYR D 68 -15.03 -22.28 33.86
C TYR D 68 -14.19 -22.18 35.12
N LYS D 69 -13.10 -21.42 35.10
CA LYS D 69 -12.31 -21.31 36.30
C LYS D 69 -12.94 -20.32 37.27
N ASP D 70 -13.24 -19.11 36.81
CA ASP D 70 -13.84 -18.10 37.70
C ASP D 70 -15.19 -18.57 38.23
N GLU D 71 -15.37 -18.37 39.54
CA GLU D 71 -16.59 -18.74 40.25
C GLU D 71 -17.76 -17.95 39.74
N GLU D 72 -17.71 -16.64 39.98
CA GLU D 72 -18.75 -15.71 39.56
C GLU D 72 -19.32 -16.02 38.18
N LEU D 73 -18.48 -15.94 37.16
CA LEU D 73 -18.87 -16.17 35.78
C LEU D 73 -19.48 -17.55 35.50
N ARG D 74 -18.82 -18.60 35.99
CA ARG D 74 -19.31 -19.96 35.78
C ARG D 74 -20.82 -20.01 35.98
N ARG D 75 -21.28 -19.31 37.02
CA ARG D 75 -22.68 -19.23 37.40
C ARG D 75 -23.46 -18.30 36.50
N LYS D 76 -23.06 -17.04 36.46
CA LYS D 76 -23.73 -16.07 35.62
C LYS D 76 -23.88 -16.72 34.25
N ALA D 77 -22.93 -17.60 33.95
CA ALA D 77 -22.91 -18.33 32.68
C ALA D 77 -24.12 -19.26 32.54
N LEU D 78 -24.17 -20.28 33.39
CA LEU D 78 -25.25 -21.25 33.38
C LEU D 78 -26.61 -20.60 33.65
N GLU D 79 -26.57 -19.33 34.08
CA GLU D 79 -27.76 -18.57 34.40
C GLU D 79 -28.51 -18.04 33.16
N LEU D 80 -27.98 -16.96 32.56
CA LEU D 80 -28.62 -16.39 31.38
C LEU D 80 -27.86 -16.65 30.09
N GLY D 81 -27.35 -17.87 29.95
CA GLY D 81 -26.60 -18.21 28.75
C GLY D 81 -25.30 -17.44 28.67
N ILE D 82 -24.99 -16.96 27.47
CA ILE D 82 -23.77 -16.20 27.27
C ILE D 82 -24.13 -14.86 26.66
N HIS D 83 -24.88 -14.89 25.56
CA HIS D 83 -25.26 -13.65 24.89
C HIS D 83 -25.71 -12.61 25.91
N ARG D 84 -26.72 -12.99 26.69
CA ARG D 84 -27.29 -12.13 27.72
C ARG D 84 -26.26 -11.65 28.76
N MET D 85 -25.31 -12.50 29.10
CA MET D 85 -24.26 -12.19 30.07
C MET D 85 -23.24 -11.23 29.48
N LEU D 86 -23.30 -11.05 28.17
CA LEU D 86 -22.37 -10.18 27.47
C LEU D 86 -23.11 -9.09 26.73
N ASP D 87 -24.44 -9.15 26.77
CA ASP D 87 -25.24 -8.12 26.12
C ASP D 87 -24.87 -8.13 24.63
N TYR D 88 -24.52 -9.32 24.12
CA TYR D 88 -24.17 -9.47 22.72
C TYR D 88 -25.21 -10.35 21.99
N ASN D 89 -25.82 -9.80 20.96
CA ASN D 89 -26.84 -10.54 20.21
C ASN D 89 -26.33 -11.09 18.88
N GLY D 90 -25.02 -11.21 18.76
CA GLY D 90 -24.43 -11.73 17.53
C GLY D 90 -23.89 -13.13 17.77
N ILE D 91 -23.21 -13.70 16.77
CA ILE D 91 -22.66 -15.06 16.90
C ILE D 91 -21.52 -15.09 17.87
N ILE D 92 -21.62 -15.93 18.88
CA ILE D 92 -20.57 -16.01 19.87
C ILE D 92 -19.90 -17.35 19.78
N GLU D 93 -18.57 -17.37 19.89
CA GLU D 93 -17.83 -18.61 19.86
C GLU D 93 -16.76 -18.57 20.94
N VAL D 94 -16.39 -19.74 21.42
CA VAL D 94 -15.37 -19.84 22.47
C VAL D 94 -14.13 -20.65 22.13
N ASP D 95 -13.16 -20.57 23.02
CA ASP D 95 -11.91 -21.27 22.85
C ASP D 95 -11.83 -22.28 23.99
N SER D 96 -11.23 -23.42 23.72
CA SER D 96 -11.08 -24.45 24.74
C SER D 96 -10.20 -23.97 25.88
N GLY D 97 -9.15 -23.25 25.57
CA GLY D 97 -8.27 -22.80 26.63
C GLY D 97 -6.94 -23.44 26.36
N SER D 98 -6.89 -24.16 25.25
CA SER D 98 -5.68 -24.82 24.81
C SER D 98 -4.61 -23.74 24.71
N PHE D 99 -4.98 -22.59 24.16
CA PHE D 99 -4.02 -21.51 24.05
C PHE D 99 -3.41 -21.22 25.42
N GLN D 100 -4.19 -21.41 26.48
CA GLN D 100 -3.69 -21.16 27.82
C GLN D 100 -2.89 -22.37 28.26
N LEU D 101 -3.11 -23.48 27.57
CA LEU D 101 -2.42 -24.75 27.80
C LEU D 101 -1.02 -24.64 27.18
N MET D 102 -0.90 -23.78 26.15
CA MET D 102 0.38 -23.54 25.47
C MET D 102 1.28 -22.64 26.30
N LYS D 103 0.80 -21.45 26.64
CA LYS D 103 1.56 -20.51 27.46
C LYS D 103 1.92 -21.09 28.79
N TYR D 104 0.91 -21.16 29.66
CA TYR D 104 1.06 -21.62 31.02
C TYR D 104 1.15 -23.13 31.18
N GLY D 105 1.00 -23.86 30.09
CA GLY D 105 1.09 -25.31 30.12
C GLY D 105 -0.09 -26.08 30.68
N SER D 106 -0.09 -26.25 32.00
CA SER D 106 -1.13 -26.99 32.70
C SER D 106 -2.43 -26.26 32.95
N ILE D 107 -3.50 -26.76 32.32
CA ILE D 107 -4.85 -26.19 32.50
C ILE D 107 -5.75 -27.32 33.01
N GLU D 108 -6.57 -27.01 34.02
CA GLU D 108 -7.44 -28.01 34.63
C GLU D 108 -8.84 -28.18 34.05
N VAL D 109 -9.04 -29.29 33.34
CA VAL D 109 -10.32 -29.60 32.74
C VAL D 109 -10.15 -30.77 31.78
N SER D 110 -11.24 -31.50 31.53
CA SER D 110 -11.17 -32.62 30.62
C SER D 110 -11.73 -32.14 29.29
N ASN D 111 -11.23 -32.71 28.20
CA ASN D 111 -11.73 -32.31 26.90
C ASN D 111 -13.25 -32.37 27.00
N ARG D 112 -13.72 -33.44 27.61
CA ARG D 112 -15.15 -33.67 27.81
C ARG D 112 -15.76 -32.59 28.69
N GLU D 113 -15.24 -32.41 29.89
CA GLU D 113 -15.75 -31.41 30.84
C GLU D 113 -16.09 -30.07 30.23
N ILE D 114 -15.13 -29.50 29.52
CA ILE D 114 -15.35 -28.21 28.91
C ILE D 114 -16.11 -28.29 27.59
N ILE D 115 -15.92 -29.36 26.84
CA ILE D 115 -16.64 -29.50 25.59
C ILE D 115 -18.15 -29.55 25.93
N GLU D 116 -18.49 -30.01 27.13
CA GLU D 116 -19.89 -30.08 27.55
C GLU D 116 -20.28 -28.74 28.19
N PHE D 117 -19.39 -28.15 28.98
CA PHE D 117 -19.66 -26.87 29.61
C PHE D 117 -19.97 -25.83 28.55
N GLN D 118 -19.58 -26.09 27.32
CA GLN D 118 -19.85 -25.17 26.21
C GLN D 118 -21.26 -25.34 25.69
N HIS D 119 -21.87 -26.50 25.92
CA HIS D 119 -23.23 -26.75 25.48
C HIS D 119 -24.18 -26.02 26.42
N ARG D 120 -23.93 -26.16 27.71
CA ARG D 120 -24.73 -25.52 28.76
C ARG D 120 -24.80 -24.01 28.62
N ILE D 121 -23.64 -23.35 28.54
CA ILE D 121 -23.59 -21.90 28.43
C ILE D 121 -24.28 -21.41 27.16
N GLY D 122 -24.79 -22.35 26.36
CA GLY D 122 -25.50 -22.00 25.14
C GLY D 122 -24.78 -21.06 24.20
N VAL D 123 -23.75 -21.60 23.56
CA VAL D 123 -22.95 -20.87 22.61
C VAL D 123 -23.40 -21.16 21.18
N ASP D 124 -22.75 -20.56 20.19
CA ASP D 124 -23.13 -20.78 18.80
C ASP D 124 -22.08 -21.58 18.05
N ILE D 125 -20.86 -21.59 18.58
CA ILE D 125 -19.75 -22.34 18.02
C ILE D 125 -18.76 -22.60 19.14
N GLY D 126 -18.21 -23.80 19.17
CA GLY D 126 -17.25 -24.15 20.23
C GLY D 126 -15.98 -24.82 19.70
N THR D 127 -15.00 -24.99 20.58
CA THR D 127 -13.73 -25.59 20.20
C THR D 127 -13.33 -26.64 21.25
N PHE D 128 -12.99 -27.85 20.81
CA PHE D 128 -12.59 -28.88 21.77
C PHE D 128 -11.20 -28.56 22.23
N LEU D 129 -10.72 -29.26 23.25
CA LEU D 129 -9.40 -28.97 23.76
C LEU D 129 -8.26 -29.51 22.90
N ASP D 130 -7.96 -28.83 21.78
CA ASP D 130 -6.86 -29.27 20.92
C ASP D 130 -5.58 -28.87 21.62
N ILE D 131 -4.46 -29.42 21.19
CA ILE D 131 -3.20 -29.14 21.84
C ILE D 131 -2.27 -28.38 20.86
N PRO D 132 -2.09 -27.05 21.08
CA PRO D 132 -1.23 -26.26 20.19
C PRO D 132 0.25 -26.43 20.44
N THR D 133 0.85 -27.37 19.71
CA THR D 133 2.27 -27.64 19.79
C THR D 133 2.86 -26.34 19.24
N PRO D 134 4.03 -25.90 19.77
CA PRO D 134 4.70 -24.69 19.33
C PRO D 134 5.41 -24.92 18.01
N PRO D 135 6.32 -24.02 17.64
CA PRO D 135 7.01 -24.25 16.39
C PRO D 135 8.41 -24.86 16.62
N ASP D 136 8.94 -25.52 15.59
CA ASP D 136 10.25 -26.15 15.68
C ASP D 136 10.33 -27.10 16.86
N ALA D 137 9.18 -27.53 17.34
CA ALA D 137 9.16 -28.46 18.46
C ALA D 137 9.77 -29.78 18.04
N PRO D 138 10.26 -30.54 19.01
CA PRO D 138 10.88 -31.84 18.77
C PRO D 138 9.96 -32.67 17.92
N ARG D 139 10.43 -33.75 17.32
CA ARG D 139 9.51 -34.53 16.48
C ARG D 139 8.39 -35.24 17.20
N GLU D 140 8.72 -36.28 17.97
CA GLU D 140 7.70 -37.02 18.69
C GLU D 140 6.70 -36.06 19.34
N GLN D 141 7.22 -35.05 20.03
CA GLN D 141 6.36 -34.08 20.71
C GLN D 141 5.32 -33.54 19.77
N ALA D 142 5.57 -33.58 18.47
CA ALA D 142 4.59 -33.09 17.53
C ALA D 142 3.71 -34.26 17.19
N VAL D 143 4.31 -35.41 16.95
CA VAL D 143 3.50 -36.55 16.60
C VAL D 143 2.63 -36.93 17.76
N LYS D 144 3.25 -37.39 18.84
CA LYS D 144 2.54 -37.80 20.03
C LYS D 144 1.43 -36.81 20.42
N GLU D 145 1.79 -35.54 20.42
CA GLU D 145 0.86 -34.49 20.78
C GLU D 145 -0.27 -34.36 19.81
N LEU D 146 -0.01 -34.56 18.51
CA LEU D 146 -1.09 -34.43 17.55
C LEU D 146 -2.06 -35.57 17.69
N GLU D 147 -1.56 -36.78 17.96
CA GLU D 147 -2.47 -37.91 18.12
C GLU D 147 -3.41 -37.60 19.25
N ILE D 148 -2.87 -37.24 20.41
CA ILE D 148 -3.72 -36.86 21.56
C ILE D 148 -4.78 -35.87 21.11
N THR D 149 -4.41 -34.95 20.24
CA THR D 149 -5.35 -33.97 19.71
C THR D 149 -6.41 -34.66 18.86
N LEU D 150 -5.97 -35.50 17.94
CA LEU D 150 -6.90 -36.17 17.09
C LEU D 150 -7.86 -37.07 17.87
N SER D 151 -7.38 -37.67 18.95
CA SER D 151 -8.21 -38.54 19.78
C SER D 151 -9.27 -37.69 20.44
N ARG D 152 -8.84 -36.58 21.02
CA ARG D 152 -9.73 -35.66 21.69
C ARG D 152 -10.71 -35.14 20.67
N ALA D 153 -10.33 -35.22 19.42
CA ALA D 153 -11.20 -34.73 18.36
C ALA D 153 -12.22 -35.78 17.99
N ARG D 154 -11.89 -37.05 18.26
CA ARG D 154 -12.80 -38.15 17.97
C ARG D 154 -13.79 -38.16 19.14
N GLU D 155 -13.24 -38.20 20.36
CA GLU D 155 -14.04 -38.20 21.57
C GLU D 155 -15.02 -37.06 21.55
N ALA D 156 -14.63 -35.95 20.95
CA ALA D 156 -15.53 -34.82 20.90
C ALA D 156 -16.41 -34.84 19.66
N GLU D 157 -16.10 -35.70 18.69
CA GLU D 157 -16.93 -35.79 17.49
C GLU D 157 -18.29 -36.37 17.81
N GLU D 158 -18.30 -37.31 18.77
CA GLU D 158 -19.52 -38.01 19.19
C GLU D 158 -20.22 -37.50 20.46
N ILE D 159 -19.59 -36.60 21.20
CA ILE D 159 -20.23 -36.07 22.41
C ILE D 159 -20.71 -34.63 22.13
N LYS D 160 -20.48 -34.18 20.90
CA LYS D 160 -20.85 -32.82 20.51
C LYS D 160 -22.28 -32.71 20.07
N GLU D 161 -22.85 -31.53 20.30
CA GLU D 161 -24.23 -31.20 19.93
C GLU D 161 -24.27 -29.83 19.23
N ILE D 162 -23.21 -29.05 19.44
CA ILE D 162 -23.04 -27.70 18.89
C ILE D 162 -21.97 -27.63 17.79
N PRO D 163 -22.09 -26.67 16.84
CA PRO D 163 -21.07 -26.59 15.80
C PRO D 163 -19.68 -26.44 16.45
N MET D 164 -18.69 -27.17 15.92
CA MET D 164 -17.36 -27.13 16.50
C MET D 164 -16.16 -26.88 15.56
N ASN D 165 -15.08 -26.35 16.14
CA ASN D 165 -13.83 -26.03 15.46
C ASN D 165 -12.85 -27.22 15.51
N ALA D 166 -12.53 -27.79 14.35
CA ALA D 166 -11.57 -28.89 14.30
C ALA D 166 -10.21 -28.25 13.99
N THR D 167 -9.48 -27.87 15.04
CA THR D 167 -8.16 -27.21 14.92
C THR D 167 -7.00 -28.06 14.47
N ILE D 168 -6.49 -27.78 13.28
CA ILE D 168 -5.35 -28.49 12.72
C ILE D 168 -4.05 -28.16 13.44
N GLN D 169 -3.45 -29.11 14.14
CA GLN D 169 -2.19 -28.81 14.78
C GLN D 169 -1.08 -29.40 13.94
N GLY D 170 0.09 -29.67 14.53
CA GLY D 170 1.16 -30.26 13.74
C GLY D 170 2.49 -29.56 13.75
N SER D 171 2.60 -28.46 14.50
CA SER D 171 3.85 -27.71 14.59
C SER D 171 4.37 -27.25 13.24
N THR D 172 5.69 -27.17 13.10
CA THR D 172 6.28 -26.72 11.86
C THR D 172 6.49 -27.87 10.88
N TYR D 173 5.74 -28.95 11.05
CA TYR D 173 5.88 -30.09 10.16
C TYR D 173 4.77 -30.14 9.16
N THR D 174 5.08 -29.70 7.96
CA THR D 174 4.10 -29.71 6.91
C THR D 174 3.58 -31.16 6.63
N ASP D 175 4.39 -32.18 6.90
CA ASP D 175 3.94 -33.56 6.68
C ASP D 175 2.81 -33.89 7.64
N LEU D 176 2.93 -33.49 8.92
CA LEU D 176 1.88 -33.75 9.90
C LEU D 176 0.69 -32.85 9.64
N ARG D 177 0.93 -31.58 9.34
CA ARG D 177 -0.17 -30.67 9.04
C ARG D 177 -1.09 -31.30 8.02
N ARG D 178 -0.54 -31.75 6.90
CA ARG D 178 -1.33 -32.35 5.85
C ARG D 178 -2.13 -33.55 6.31
N TYR D 179 -1.57 -34.38 7.19
CA TYR D 179 -2.28 -35.55 7.70
C TYR D 179 -3.37 -35.11 8.63
N ALA D 180 -2.99 -34.38 9.68
CA ALA D 180 -3.96 -33.89 10.66
C ALA D 180 -5.05 -33.13 9.92
N ALA D 181 -4.82 -32.83 8.65
CA ALA D 181 -5.83 -32.11 7.91
C ALA D 181 -6.82 -33.09 7.34
N ARG D 182 -6.37 -34.22 6.82
CA ARG D 182 -7.28 -35.20 6.23
C ARG D 182 -8.06 -35.89 7.32
N ARG D 183 -7.40 -36.26 8.42
CA ARG D 183 -8.12 -36.93 9.49
C ARG D 183 -9.28 -36.07 9.93
N LEU D 184 -9.04 -34.78 10.12
CA LEU D 184 -10.12 -33.87 10.55
C LEU D 184 -11.01 -33.34 9.44
N SER D 185 -10.61 -33.48 8.18
CA SER D 185 -11.48 -33.02 7.10
C SER D 185 -12.61 -34.05 6.99
N SER D 186 -12.21 -35.32 6.96
CA SER D 186 -13.15 -36.44 6.86
C SER D 186 -14.05 -36.63 8.09
N MET D 187 -13.63 -36.09 9.23
CA MET D 187 -14.42 -36.16 10.44
C MET D 187 -15.60 -35.17 10.31
N ASN D 188 -16.64 -35.38 11.12
CA ASN D 188 -17.81 -34.50 11.07
C ASN D 188 -17.74 -33.22 11.90
N PHE D 189 -17.04 -32.21 11.38
CA PHE D 189 -16.98 -30.94 12.07
C PHE D 189 -17.33 -29.85 11.08
N GLU D 190 -17.70 -28.68 11.63
CA GLU D 190 -18.12 -27.52 10.84
C GLU D 190 -17.01 -26.56 10.40
N ILE D 191 -16.05 -26.28 11.29
CA ILE D 191 -14.95 -25.37 10.95
C ILE D 191 -13.54 -25.84 11.33
N HIS D 192 -12.57 -25.45 10.52
CA HIS D 192 -11.18 -25.83 10.75
C HIS D 192 -10.20 -24.68 10.93
N PRO D 193 -9.82 -24.43 12.19
CA PRO D 193 -8.88 -23.34 12.39
C PRO D 193 -7.46 -23.96 12.28
N ILE D 194 -6.52 -23.18 11.76
CA ILE D 194 -5.14 -23.63 11.65
C ILE D 194 -4.50 -23.02 12.88
N GLY D 195 -4.06 -23.86 13.81
CA GLY D 195 -3.53 -23.35 15.07
C GLY D 195 -2.06 -23.45 15.43
N GLY D 196 -1.72 -22.90 16.60
CA GLY D 196 -0.35 -22.91 17.09
C GLY D 196 0.57 -22.12 16.18
N VAL D 197 0.14 -20.91 15.83
CA VAL D 197 0.85 -20.04 14.90
C VAL D 197 1.28 -18.69 15.51
N VAL D 198 0.61 -18.25 16.55
CA VAL D 198 0.94 -16.99 17.16
C VAL D 198 2.45 -16.74 17.35
N PRO D 199 3.14 -17.68 17.96
CA PRO D 199 4.57 -17.49 18.18
C PRO D 199 5.24 -17.18 16.87
N LEU D 200 4.70 -17.76 15.81
CA LEU D 200 5.24 -17.49 14.49
C LEU D 200 4.92 -16.05 14.14
N LEU D 201 3.64 -15.71 14.22
CA LEU D 201 3.21 -14.37 13.89
C LEU D 201 3.86 -13.29 14.75
N GLU D 202 4.02 -13.52 16.04
CA GLU D 202 4.66 -12.49 16.84
C GLU D 202 6.09 -12.23 16.35
N SER D 203 6.76 -13.28 15.88
CA SER D 203 8.13 -13.18 15.39
C SER D 203 8.10 -12.95 13.91
N TYR D 204 7.08 -12.28 13.43
CA TYR D 204 6.90 -12.05 12.01
C TYR D 204 7.43 -13.15 11.09
N ARG D 205 7.15 -14.42 11.39
CA ARG D 205 7.62 -15.47 10.48
C ARG D 205 6.57 -15.74 9.42
N PHE D 206 6.17 -14.69 8.72
CA PHE D 206 5.18 -14.81 7.68
C PHE D 206 5.46 -15.89 6.67
N ARG D 207 6.71 -16.30 6.51
CA ARG D 207 6.97 -17.36 5.54
C ARG D 207 6.46 -18.67 6.12
N ASP D 208 7.04 -19.06 7.24
CA ASP D 208 6.66 -20.29 7.93
C ASP D 208 5.15 -20.44 8.06
N VAL D 209 4.46 -19.33 8.29
CA VAL D 209 3.01 -19.36 8.40
C VAL D 209 2.43 -19.80 7.09
N VAL D 210 2.82 -19.17 5.99
CA VAL D 210 2.33 -19.57 4.66
C VAL D 210 2.56 -21.07 4.41
N ASP D 211 3.77 -21.53 4.68
CA ASP D 211 4.14 -22.92 4.51
C ASP D 211 3.15 -23.80 5.22
N ILE D 212 2.67 -23.31 6.36
CA ILE D 212 1.70 -24.04 7.15
C ILE D 212 0.27 -23.89 6.63
N VAL D 213 -0.15 -22.66 6.45
CA VAL D 213 -1.48 -22.41 5.96
C VAL D 213 -1.61 -23.14 4.62
N ILE D 214 -0.63 -23.04 3.74
CA ILE D 214 -0.81 -23.73 2.46
C ILE D 214 -0.89 -25.22 2.66
N SER D 215 0.15 -25.81 3.22
CA SER D 215 0.17 -27.25 3.42
C SER D 215 -1.20 -27.75 3.84
N SER D 216 -1.83 -27.04 4.77
CA SER D 216 -3.14 -27.42 5.29
C SER D 216 -4.29 -27.18 4.34
N LYS D 217 -4.45 -25.97 3.83
CA LYS D 217 -5.55 -25.75 2.89
C LYS D 217 -5.55 -26.82 1.78
N MET D 218 -4.39 -27.39 1.47
CA MET D 218 -4.29 -28.45 0.44
C MET D 218 -5.01 -29.72 0.80
N ALA D 219 -4.81 -30.16 2.03
CA ALA D 219 -5.41 -31.37 2.53
C ALA D 219 -6.80 -31.25 3.15
N LEU D 220 -7.33 -30.04 3.24
CA LEU D 220 -8.66 -29.84 3.81
C LEU D 220 -9.71 -29.82 2.72
N ARG D 221 -10.95 -30.12 3.12
CA ARG D 221 -12.09 -30.11 2.21
C ARG D 221 -12.39 -28.64 1.82
N PRO D 222 -12.58 -28.37 0.53
CA PRO D 222 -12.86 -26.97 0.19
C PRO D 222 -14.05 -26.36 0.93
N ASP D 223 -15.14 -27.11 1.08
CA ASP D 223 -16.37 -26.65 1.75
C ASP D 223 -16.34 -26.15 3.22
N ARG D 224 -15.43 -26.63 4.03
CA ARG D 224 -15.38 -26.17 5.42
C ARG D 224 -14.53 -24.90 5.56
N PRO D 225 -15.05 -23.89 6.28
CA PRO D 225 -14.36 -22.61 6.53
C PRO D 225 -13.04 -22.78 7.27
N VAL D 226 -12.02 -22.05 6.82
CA VAL D 226 -10.69 -22.09 7.45
C VAL D 226 -10.46 -20.82 8.25
N HIS D 227 -10.09 -20.96 9.51
CA HIS D 227 -9.87 -19.83 10.40
C HIS D 227 -8.45 -19.89 10.92
N LEU D 228 -7.73 -18.77 10.81
CA LEU D 228 -6.33 -18.69 11.22
C LEU D 228 -6.23 -18.22 12.66
N PHE D 229 -6.08 -19.17 13.56
CA PHE D 229 -6.04 -18.91 15.00
C PHE D 229 -5.01 -17.98 15.58
N GLY D 230 -5.49 -16.80 15.98
CA GLY D 230 -4.67 -15.80 16.62
C GLY D 230 -4.07 -14.78 15.71
N ALA D 231 -4.70 -14.56 14.57
CA ALA D 231 -4.20 -13.64 13.59
C ALA D 231 -5.10 -12.43 13.42
N GLY D 232 -4.75 -11.32 14.07
CA GLY D 232 -5.57 -10.13 13.96
C GLY D 232 -4.85 -8.84 13.61
N HIS D 233 -3.88 -8.88 12.71
CA HIS D 233 -3.20 -7.64 12.37
C HIS D 233 -3.41 -7.39 10.90
N PRO D 234 -3.84 -6.18 10.54
CA PRO D 234 -4.11 -5.77 9.16
C PRO D 234 -3.02 -6.18 8.18
N ILE D 235 -1.81 -6.29 8.69
CA ILE D 235 -0.68 -6.62 7.84
C ILE D 235 -0.77 -7.97 7.14
N VAL D 236 -1.56 -8.92 7.68
CA VAL D 236 -1.68 -10.26 7.10
C VAL D 236 -2.89 -10.56 6.30
N PHE D 237 -3.99 -9.91 6.65
CA PHE D 237 -5.27 -10.14 5.99
C PHE D 237 -5.18 -10.39 4.50
N ALA D 238 -4.79 -9.40 3.72
CA ALA D 238 -4.71 -9.63 2.28
C ALA D 238 -3.92 -10.91 1.96
N LEU D 239 -2.73 -11.07 2.53
CA LEU D 239 -2.00 -12.30 2.26
C LEU D 239 -2.92 -13.49 2.62
N ALA D 240 -3.10 -13.70 3.92
CA ALA D 240 -3.90 -14.80 4.44
C ALA D 240 -5.14 -15.12 3.61
N VAL D 241 -6.04 -14.18 3.50
CA VAL D 241 -7.26 -14.39 2.73
C VAL D 241 -7.02 -14.96 1.36
N ALA D 242 -6.00 -14.49 0.66
CA ALA D 242 -5.72 -14.99 -0.69
C ALA D 242 -5.22 -16.41 -0.67
N MET D 243 -5.01 -16.94 0.53
CA MET D 243 -4.51 -18.28 0.70
C MET D 243 -5.70 -19.19 0.96
N GLY D 244 -6.88 -18.59 1.02
CA GLY D 244 -8.10 -19.36 1.28
C GLY D 244 -8.41 -19.44 2.76
N VAL D 245 -8.10 -18.38 3.49
CA VAL D 245 -8.42 -18.35 4.91
C VAL D 245 -9.72 -17.54 4.89
N ASP D 246 -10.55 -17.67 5.94
CA ASP D 246 -11.84 -16.97 6.00
C ASP D 246 -12.15 -16.37 7.35
N LEU D 247 -11.46 -16.83 8.38
CA LEU D 247 -11.72 -16.34 9.72
C LEU D 247 -10.50 -16.03 10.55
N PHE D 248 -10.54 -14.92 11.30
CA PHE D 248 -9.44 -14.50 12.16
C PHE D 248 -9.99 -14.16 13.52
N ASP D 249 -9.14 -14.20 14.54
CA ASP D 249 -9.56 -13.82 15.88
C ASP D 249 -8.33 -13.33 16.59
N SER D 250 -8.45 -12.28 17.40
CA SER D 250 -7.26 -11.76 18.07
C SER D 250 -7.47 -10.66 19.08
N ALA D 251 -6.75 -10.77 20.19
CA ALA D 251 -6.80 -9.79 21.26
C ALA D 251 -5.85 -8.68 20.84
N SER D 252 -5.27 -8.86 19.68
CA SER D 252 -4.31 -7.92 19.13
C SER D 252 -4.63 -6.47 19.45
N TYR D 253 -5.79 -6.00 18.98
CA TYR D 253 -6.23 -4.61 19.16
C TYR D 253 -6.15 -4.06 20.58
N ALA D 254 -6.64 -4.81 21.56
CA ALA D 254 -6.60 -4.36 22.94
C ALA D 254 -5.20 -4.57 23.50
N LEU D 255 -4.62 -5.71 23.14
CA LEU D 255 -3.28 -6.08 23.57
C LEU D 255 -2.23 -5.07 23.10
N TYR D 256 -2.36 -4.62 21.87
CA TYR D 256 -1.42 -3.64 21.38
C TYR D 256 -1.76 -2.37 22.13
N ALA D 257 -2.96 -1.82 21.90
CA ALA D 257 -3.37 -0.58 22.58
C ALA D 257 -2.80 -0.49 24.01
N LYS D 258 -2.87 -1.58 24.75
CA LYS D 258 -2.32 -1.61 26.11
C LYS D 258 -0.89 -1.12 26.15
N ASP D 259 -0.04 -1.73 25.33
CA ASP D 259 1.39 -1.40 25.26
C ASP D 259 1.66 -0.14 24.48
N ASP D 260 0.61 0.61 24.16
CA ASP D 260 0.74 1.86 23.41
C ASP D 260 1.20 1.72 21.97
N ARG D 261 0.70 0.70 21.28
CA ARG D 261 1.07 0.52 19.89
C ARG D 261 -0.14 0.77 18.98
N TYR D 262 0.12 1.44 17.87
CA TYR D 262 -0.92 1.81 16.91
C TYR D 262 -0.78 0.96 15.65
N MET D 263 -1.90 0.56 15.05
CA MET D 263 -1.87 -0.32 13.87
C MET D 263 -2.14 0.27 12.52
N THR D 264 -1.32 -0.08 11.55
CA THR D 264 -1.56 0.38 10.20
C THR D 264 -1.38 -0.79 9.25
N PRO D 265 -2.20 -0.86 8.21
CA PRO D 265 -2.13 -1.94 7.23
C PRO D 265 -0.71 -2.30 6.88
N GLU D 266 0.21 -1.34 7.05
CA GLU D 266 1.62 -1.56 6.73
C GLU D 266 2.54 -2.01 7.83
N GLY D 267 2.06 -2.05 9.07
CA GLY D 267 2.91 -2.47 10.18
C GLY D 267 2.51 -1.86 11.51
N THR D 268 3.41 -1.84 12.48
CA THR D 268 3.08 -1.24 13.77
C THR D 268 3.84 0.06 14.12
N LYS D 269 3.15 0.99 14.78
CA LYS D 269 3.76 2.26 15.20
C LYS D 269 3.64 2.44 16.69
N ARG D 270 4.68 3.03 17.26
CA ARG D 270 4.73 3.30 18.70
C ARG D 270 4.24 4.75 18.92
N LEU D 271 3.12 4.91 19.63
CA LEU D 271 2.54 6.23 19.88
C LEU D 271 3.62 7.30 19.91
N ASP D 272 4.50 7.17 20.90
CA ASP D 272 5.61 8.11 21.09
C ASP D 272 6.62 8.00 19.94
N GLU D 273 6.09 8.06 18.73
CA GLU D 273 6.91 7.96 17.53
C GLU D 273 6.02 8.51 16.45
N LEU D 274 4.82 8.87 16.84
CA LEU D 274 3.86 9.44 15.90
C LEU D 274 3.80 10.95 15.97
N ASP D 275 3.88 11.57 14.80
CA ASP D 275 3.80 13.01 14.70
C ASP D 275 2.41 13.28 14.16
N TYR D 276 1.97 12.39 13.29
CA TYR D 276 0.66 12.53 12.68
C TYR D 276 -0.13 11.25 12.82
N PHE D 277 -1.35 11.23 12.31
CA PHE D 277 -2.17 10.02 12.37
C PHE D 277 -2.59 9.60 10.97
N PRO D 278 -1.93 8.58 10.42
CA PRO D 278 -2.18 8.03 9.08
C PRO D 278 -3.51 7.31 9.01
N CYS D 279 -4.54 7.95 9.55
CA CYS D 279 -5.88 7.38 9.61
C CYS D 279 -6.95 8.46 9.46
N SER D 280 -8.18 8.04 9.18
CA SER D 280 -9.28 8.97 9.01
C SER D 280 -10.49 8.57 9.86
N CYS D 281 -10.32 7.53 10.68
CA CYS D 281 -11.43 7.04 11.49
C CYS D 281 -11.92 8.08 12.48
N PRO D 282 -12.86 7.69 13.35
CA PRO D 282 -13.38 8.62 14.35
C PRO D 282 -12.44 9.06 15.48
N VAL D 283 -11.39 8.29 15.76
CA VAL D 283 -10.45 8.69 16.83
C VAL D 283 -9.30 9.55 16.31
N CYS D 284 -8.76 9.23 15.13
CA CYS D 284 -7.65 9.98 14.53
C CYS D 284 -8.16 11.27 13.91
N SER D 285 -9.47 11.40 13.85
CA SER D 285 -10.12 12.56 13.30
C SER D 285 -10.22 13.65 14.37
N LYS D 286 -10.76 13.29 15.53
CA LYS D 286 -10.95 14.22 16.62
C LYS D 286 -9.77 14.32 17.60
N TYR D 287 -8.58 13.87 17.20
CA TYR D 287 -7.45 13.96 18.13
C TYR D 287 -6.12 14.06 17.39
N THR D 288 -5.03 14.01 18.15
CA THR D 288 -3.68 14.08 17.60
C THR D 288 -2.70 13.29 18.44
N PRO D 289 -1.59 12.90 17.81
CA PRO D 289 -0.56 12.14 18.50
C PRO D 289 -0.11 12.86 19.76
N GLN D 290 -0.01 14.19 19.67
CA GLN D 290 0.39 15.03 20.79
C GLN D 290 -0.62 14.87 21.91
N GLU D 291 -1.86 15.26 21.59
CA GLU D 291 -2.97 15.24 22.51
C GLU D 291 -3.22 13.89 23.12
N LEU D 292 -3.12 12.85 22.31
CA LEU D 292 -3.38 11.51 22.80
C LEU D 292 -2.26 11.02 23.71
N ARG D 293 -1.06 11.54 23.51
CA ARG D 293 0.05 11.10 24.33
C ARG D 293 -0.08 11.74 25.69
N GLU D 294 -0.83 12.83 25.76
CA GLU D 294 -1.06 13.58 27.00
C GLU D 294 -1.95 12.81 27.97
N MET D 295 -3.15 12.44 27.52
CA MET D 295 -4.11 11.70 28.34
C MET D 295 -3.47 10.47 29.01
N PRO D 296 -4.08 9.95 30.10
CA PRO D 296 -3.44 8.77 30.70
C PRO D 296 -3.99 7.42 30.22
N LYS D 297 -3.33 6.34 30.65
CA LYS D 297 -3.67 4.97 30.24
C LYS D 297 -5.16 4.70 30.01
N GLU D 298 -5.92 4.54 31.10
CA GLU D 298 -7.36 4.30 31.01
C GLU D 298 -7.95 4.82 29.69
N GLU D 299 -7.66 6.07 29.35
CA GLU D 299 -8.21 6.67 28.14
C GLU D 299 -7.36 6.47 26.91
N ARG D 300 -6.04 6.40 27.11
CA ARG D 300 -5.14 6.22 25.98
C ARG D 300 -5.36 4.84 25.34
N THR D 301 -5.28 3.79 26.16
CA THR D 301 -5.46 2.41 25.71
C THR D 301 -6.82 2.22 25.04
N ARG D 302 -7.86 2.74 25.68
CA ARG D 302 -9.18 2.56 25.13
C ARG D 302 -9.25 3.16 23.72
N LEU D 303 -8.80 4.39 23.59
CA LEU D 303 -8.84 5.06 22.31
C LEU D 303 -8.03 4.35 21.24
N LEU D 304 -6.90 3.79 21.65
CA LEU D 304 -6.03 3.09 20.73
C LEU D 304 -6.73 1.80 20.28
N ALA D 305 -7.16 1.02 21.25
CA ALA D 305 -7.88 -0.20 20.95
C ALA D 305 -8.92 0.17 19.91
N LEU D 306 -9.73 1.16 20.27
CA LEU D 306 -10.79 1.62 19.42
C LEU D 306 -10.26 1.82 18.01
N HIS D 307 -9.19 2.58 17.89
CA HIS D 307 -8.58 2.83 16.58
C HIS D 307 -8.25 1.51 15.90
N ASN D 308 -7.46 0.71 16.61
CA ASN D 308 -7.05 -0.58 16.09
C ASN D 308 -8.21 -1.36 15.49
N LEU D 309 -9.36 -1.30 16.14
CA LEU D 309 -10.52 -2.01 15.66
C LEU D 309 -10.94 -1.43 14.34
N TRP D 310 -10.85 -0.11 14.23
CA TRP D 310 -11.24 0.59 13.03
C TRP D 310 -10.43 0.23 11.82
N VAL D 311 -9.14 0.03 12.03
CA VAL D 311 -8.28 -0.32 10.92
C VAL D 311 -8.63 -1.75 10.56
N ILE D 312 -8.52 -2.64 11.57
CA ILE D 312 -8.85 -4.05 11.36
C ILE D 312 -10.06 -4.11 10.45
N LYS D 313 -11.19 -3.62 10.93
CA LYS D 313 -12.39 -3.61 10.12
C LYS D 313 -12.13 -3.05 8.74
N GLU D 314 -11.53 -1.87 8.68
CA GLU D 314 -11.23 -1.23 7.41
C GLU D 314 -10.55 -2.15 6.43
N GLU D 315 -9.38 -2.68 6.80
CA GLU D 315 -8.63 -3.55 5.90
C GLU D 315 -9.49 -4.70 5.40
N ILE D 316 -10.23 -5.34 6.29
CA ILE D 316 -11.09 -6.43 5.87
C ILE D 316 -12.00 -6.01 4.71
N LYS D 317 -12.60 -4.83 4.82
CA LYS D 317 -13.47 -4.34 3.75
C LYS D 317 -12.63 -4.22 2.52
N ARG D 318 -11.47 -3.59 2.71
CA ARG D 318 -10.53 -3.36 1.62
C ARG D 318 -10.41 -4.63 0.84
N VAL D 319 -10.02 -5.68 1.56
CA VAL D 319 -9.82 -7.01 0.99
C VAL D 319 -11.01 -7.48 0.19
N LYS D 320 -12.17 -7.52 0.85
CA LYS D 320 -13.39 -7.99 0.19
C LYS D 320 -13.65 -7.21 -1.07
N GLN D 321 -13.40 -5.92 -1.02
CA GLN D 321 -13.62 -5.11 -2.21
C GLN D 321 -12.71 -5.64 -3.29
N ALA D 322 -11.44 -5.82 -2.92
CA ALA D 322 -10.43 -6.37 -3.80
C ALA D 322 -10.95 -7.65 -4.50
N ILE D 323 -11.40 -8.60 -3.68
CA ILE D 323 -11.92 -9.86 -4.20
C ILE D 323 -13.06 -9.60 -5.17
N LYS D 324 -13.96 -8.69 -4.78
CA LYS D 324 -15.11 -8.39 -5.60
C LYS D 324 -14.73 -7.88 -6.97
N GLU D 325 -13.59 -7.21 -7.08
CA GLU D 325 -13.22 -6.72 -8.40
C GLU D 325 -12.21 -7.59 -9.10
N GLY D 326 -11.56 -8.47 -8.34
CA GLY D 326 -10.57 -9.36 -8.93
C GLY D 326 -9.15 -8.81 -8.88
N GLU D 327 -8.85 -8.11 -7.79
CA GLU D 327 -7.52 -7.50 -7.61
C GLU D 327 -6.88 -7.99 -6.32
N LEU D 328 -7.38 -9.05 -5.74
CA LEU D 328 -6.80 -9.52 -4.50
C LEU D 328 -5.28 -9.53 -4.56
N TRP D 329 -4.73 -10.10 -5.63
CA TRP D 329 -3.26 -10.18 -5.79
C TRP D 329 -2.54 -8.83 -5.75
N ARG D 330 -3.11 -7.83 -6.40
CA ARG D 330 -2.52 -6.52 -6.42
C ARG D 330 -2.42 -6.02 -5.00
N LEU D 331 -3.46 -6.25 -4.20
CA LEU D 331 -3.46 -5.81 -2.82
C LEU D 331 -2.48 -6.61 -1.97
N VAL D 332 -2.12 -7.82 -2.39
CA VAL D 332 -1.13 -8.57 -1.62
C VAL D 332 0.24 -7.98 -2.02
N ASP D 333 0.42 -7.79 -3.32
CA ASP D 333 1.65 -7.24 -3.84
C ASP D 333 1.93 -5.88 -3.19
N GLU D 334 0.88 -5.20 -2.81
CA GLU D 334 1.02 -3.89 -2.18
C GLU D 334 1.38 -4.09 -0.72
N ARG D 335 0.56 -4.86 -0.02
CA ARG D 335 0.83 -5.08 1.38
C ARG D 335 2.13 -5.88 1.59
N ALA D 336 2.59 -6.58 0.57
CA ALA D 336 3.82 -7.36 0.71
C ALA D 336 5.02 -6.45 1.00
N ARG D 337 4.96 -5.22 0.50
CA ARG D 337 6.02 -4.24 0.68
C ARG D 337 6.05 -3.68 2.08
N SER D 338 5.04 -3.98 2.86
CA SER D 338 4.93 -3.47 4.22
C SER D 338 6.08 -3.84 5.11
N HIS D 339 6.72 -4.98 4.84
CA HIS D 339 7.84 -5.45 5.67
C HIS D 339 8.55 -6.70 5.09
N PRO D 340 9.88 -6.66 5.04
CA PRO D 340 10.76 -7.71 4.54
C PRO D 340 10.27 -9.13 4.71
N LYS D 341 10.10 -9.56 5.96
CA LYS D 341 9.66 -10.90 6.23
C LYS D 341 8.36 -11.22 5.52
N LEU D 342 7.49 -10.23 5.36
CA LEU D 342 6.23 -10.49 4.68
C LEU D 342 6.46 -10.66 3.20
N TYR D 343 7.26 -9.76 2.63
CA TYR D 343 7.59 -9.83 1.21
C TYR D 343 8.07 -11.25 0.90
N SER D 344 8.96 -11.76 1.75
CA SER D 344 9.49 -13.11 1.58
C SER D 344 8.34 -14.08 1.41
N ALA D 345 7.46 -14.07 2.42
CA ALA D 345 6.29 -14.94 2.50
C ALA D 345 5.51 -14.92 1.20
N TYR D 346 5.21 -13.72 0.71
CA TYR D 346 4.46 -13.52 -0.50
C TYR D 346 5.15 -14.17 -1.66
N LYS D 347 6.45 -13.91 -1.74
CA LYS D 347 7.21 -14.45 -2.82
C LYS D 347 7.08 -15.95 -2.79
N ARG D 348 6.96 -16.50 -1.59
CA ARG D 348 6.82 -17.95 -1.39
C ARG D 348 5.44 -18.44 -1.78
N LEU D 349 4.41 -17.77 -1.31
CA LEU D 349 3.09 -18.21 -1.69
C LEU D 349 3.06 -18.38 -3.20
N LEU D 350 3.44 -17.34 -3.93
CA LEU D 350 3.46 -17.43 -5.39
C LEU D 350 4.18 -18.68 -5.99
N GLU D 351 4.90 -19.42 -5.16
CA GLU D 351 5.64 -20.55 -5.65
C GLU D 351 4.75 -21.74 -5.87
N HIS D 352 3.68 -21.85 -5.09
CA HIS D 352 2.78 -23.00 -5.24
C HIS D 352 1.78 -22.82 -6.38
N TYR D 353 2.24 -22.64 -7.60
CA TYR D 353 1.32 -22.43 -8.69
C TYR D 353 0.16 -23.38 -8.77
N THR D 354 0.44 -24.69 -8.74
CA THR D 354 -0.63 -25.69 -8.84
C THR D 354 -1.73 -25.52 -7.81
N PHE D 355 -1.39 -25.16 -6.58
CA PHE D 355 -2.43 -24.96 -5.59
C PHE D 355 -3.30 -23.79 -5.98
N LEU D 356 -2.66 -22.65 -6.28
CA LEU D 356 -3.41 -21.46 -6.63
C LEU D 356 -4.14 -21.54 -7.97
N GLU D 357 -3.53 -22.15 -8.99
CA GLU D 357 -4.19 -22.22 -10.29
C GLU D 357 -5.55 -22.89 -10.26
N GLU D 358 -5.65 -23.99 -9.53
CA GLU D 358 -6.92 -24.68 -9.44
C GLU D 358 -8.06 -23.75 -9.10
N PHE D 359 -7.93 -22.98 -8.03
CA PHE D 359 -9.00 -22.08 -7.64
C PHE D 359 -9.00 -20.71 -8.30
N GLU D 360 -8.12 -20.49 -9.27
CA GLU D 360 -8.05 -19.17 -9.89
C GLU D 360 -9.00 -18.88 -10.98
N PRO D 361 -9.99 -17.98 -10.74
CA PRO D 361 -11.01 -17.55 -11.71
C PRO D 361 -10.46 -17.58 -13.14
N ILE D 362 -11.28 -17.95 -14.12
CA ILE D 362 -10.77 -17.99 -15.48
C ILE D 362 -10.76 -16.60 -16.10
N THR D 363 -11.56 -15.72 -15.54
CA THR D 363 -11.59 -14.37 -16.03
C THR D 363 -12.06 -13.56 -14.85
N LYS D 364 -11.71 -12.27 -14.85
CA LYS D 364 -12.10 -11.41 -13.76
C LYS D 364 -12.69 -10.13 -14.34
N LYS D 365 -13.19 -9.27 -13.46
CA LYS D 365 -13.80 -8.03 -13.90
C LYS D 365 -12.79 -6.95 -14.29
N SER D 366 -11.80 -6.74 -13.43
CA SER D 366 -10.76 -5.72 -13.66
C SER D 366 -9.49 -6.33 -14.23
N ALA D 367 -8.80 -5.56 -15.06
CA ALA D 367 -7.59 -6.05 -15.73
C ALA D 367 -6.39 -6.50 -14.88
N LEU D 368 -5.49 -7.19 -15.56
CA LEU D 368 -4.28 -7.70 -14.95
C LEU D 368 -3.32 -6.53 -14.89
N PHE D 369 -2.69 -6.33 -13.74
CA PHE D 369 -1.73 -5.22 -13.60
C PHE D 369 -0.28 -5.66 -13.38
N LYS D 370 0.61 -5.22 -14.26
CA LYS D 370 2.01 -5.54 -14.12
C LYS D 370 2.51 -4.45 -13.20
N ILE D 371 2.71 -4.76 -11.93
CA ILE D 371 3.17 -3.74 -11.00
C ILE D 371 4.34 -4.20 -10.13
N SER D 372 4.97 -5.30 -10.51
CA SER D 372 6.09 -5.83 -9.76
C SER D 372 6.62 -7.03 -10.51
N ASN D 373 7.76 -7.54 -10.05
CA ASN D 373 8.36 -8.68 -10.69
C ASN D 373 7.49 -9.87 -10.36
N GLU D 374 6.90 -9.79 -9.17
CA GLU D 374 6.03 -10.83 -8.65
C GLU D 374 4.74 -10.94 -9.47
N SER D 375 4.27 -9.81 -9.98
CA SER D 375 3.06 -9.82 -10.77
C SER D 375 3.20 -10.84 -11.90
N LEU D 376 4.41 -11.05 -12.41
CA LEU D 376 4.63 -12.02 -13.47
C LEU D 376 4.62 -13.48 -13.02
N ARG D 377 4.41 -13.74 -11.73
CA ARG D 377 4.38 -15.11 -11.27
C ARG D 377 2.99 -15.41 -10.72
N TRP D 378 2.11 -14.42 -10.82
CA TRP D 378 0.75 -14.58 -10.36
C TRP D 378 0.17 -15.69 -11.26
N PRO D 379 -0.66 -16.58 -10.69
CA PRO D 379 -1.26 -17.69 -11.42
C PRO D 379 -1.78 -17.36 -12.80
N VAL D 380 -2.69 -16.41 -12.82
CA VAL D 380 -3.34 -15.96 -14.03
C VAL D 380 -2.39 -15.72 -15.24
N VAL D 381 -1.13 -15.48 -14.96
CA VAL D 381 -0.22 -15.22 -16.05
C VAL D 381 0.44 -16.48 -16.51
N ARG D 382 0.97 -17.24 -15.56
CA ARG D 382 1.63 -18.50 -15.89
C ARG D 382 0.69 -19.31 -16.78
N ARG D 383 -0.55 -19.48 -16.34
CA ARG D 383 -1.57 -20.25 -17.07
C ARG D 383 -1.61 -19.74 -18.49
N ALA D 384 -2.09 -18.53 -18.64
CA ALA D 384 -2.18 -17.92 -19.95
C ALA D 384 -0.97 -18.14 -20.85
N LYS D 385 0.24 -18.04 -20.30
CA LYS D 385 1.41 -18.20 -21.16
C LYS D 385 1.48 -19.61 -21.74
N GLU D 386 1.13 -20.61 -20.93
CA GLU D 386 1.15 -22.02 -21.30
C GLU D 386 -0.04 -22.26 -22.18
N ARG D 387 -1.20 -21.91 -21.65
CA ARG D 387 -2.43 -22.09 -22.37
C ARG D 387 -2.35 -21.49 -23.77
N ALA D 388 -1.61 -20.39 -23.91
CA ALA D 388 -1.48 -19.75 -25.21
C ALA D 388 -0.45 -20.37 -26.11
N LYS D 389 0.48 -21.12 -25.52
CA LYS D 389 1.58 -21.69 -26.28
C LYS D 389 1.17 -22.31 -27.61
N SER D 390 0.31 -23.31 -27.56
CA SER D 390 -0.12 -24.00 -28.77
C SER D 390 -0.84 -23.05 -29.75
N ILE D 391 -1.84 -22.32 -29.28
CA ILE D 391 -2.56 -21.39 -30.12
C ILE D 391 -1.59 -20.56 -30.95
N ASN D 392 -0.50 -20.11 -30.33
CA ASN D 392 0.46 -19.28 -31.03
C ASN D 392 1.11 -19.99 -32.19
N GLU D 393 1.45 -21.25 -32.02
CA GLU D 393 2.08 -22.03 -33.10
C GLU D 393 1.07 -22.26 -34.20
N ARG D 394 -0.06 -22.90 -33.88
CA ARG D 394 -1.09 -23.20 -34.88
C ARG D 394 -1.47 -21.95 -35.69
N PHE D 395 -2.00 -20.94 -35.01
CA PHE D 395 -2.45 -19.71 -35.66
C PHE D 395 -1.37 -18.72 -36.05
N GLY D 396 -0.38 -18.53 -35.21
CA GLY D 396 0.70 -17.61 -35.57
C GLY D 396 0.36 -16.14 -35.60
N GLU D 397 0.94 -15.41 -36.57
CA GLU D 397 0.76 -13.96 -36.69
C GLU D 397 0.78 -13.39 -35.27
N LEU D 398 1.98 -13.30 -34.72
CA LEU D 398 2.12 -12.81 -33.38
C LEU D 398 2.37 -11.34 -33.30
N VAL D 399 2.02 -10.78 -32.16
CA VAL D 399 2.23 -9.37 -31.88
C VAL D 399 2.90 -9.30 -30.49
N GLU D 400 3.77 -8.31 -30.27
CA GLU D 400 4.46 -8.20 -28.98
C GLU D 400 3.56 -7.77 -27.84
N HIS D 401 3.80 -8.34 -26.68
CA HIS D 401 3.01 -8.01 -25.51
C HIS D 401 3.87 -7.66 -24.30
N PRO D 402 3.62 -6.51 -23.71
CA PRO D 402 4.34 -6.05 -22.54
C PRO D 402 4.46 -7.07 -21.40
N ILE D 403 3.52 -7.99 -21.31
CA ILE D 403 3.59 -8.97 -20.22
C ILE D 403 3.95 -10.38 -20.69
N PHE D 404 3.39 -10.81 -21.83
CA PHE D 404 3.67 -12.17 -22.33
C PHE D 404 4.60 -12.20 -23.53
N GLY D 405 5.16 -11.05 -23.84
CA GLY D 405 6.11 -10.95 -24.93
C GLY D 405 5.55 -11.02 -26.31
N ARG D 406 5.08 -12.21 -26.66
CA ARG D 406 4.52 -12.46 -27.97
C ARG D 406 3.22 -13.25 -27.76
N VAL D 407 2.24 -12.97 -28.62
CA VAL D 407 0.96 -13.65 -28.55
C VAL D 407 0.37 -13.49 -29.94
N SER D 408 -0.32 -14.51 -30.45
CA SER D 408 -0.91 -14.37 -31.77
C SER D 408 -2.08 -13.39 -31.69
N ARG D 409 -2.18 -12.56 -32.73
CA ARG D 409 -3.23 -11.55 -32.75
C ARG D 409 -4.58 -12.14 -32.50
N TYR D 410 -4.86 -13.28 -33.13
CA TYR D 410 -6.16 -13.87 -32.96
C TYR D 410 -6.58 -13.99 -31.49
N LEU D 411 -5.62 -13.98 -30.59
CA LEU D 411 -5.95 -14.08 -29.19
C LEU D 411 -6.01 -12.67 -28.56
N SER D 412 -5.28 -11.76 -29.20
CA SER D 412 -5.12 -10.38 -28.76
C SER D 412 -6.31 -9.58 -28.16
N LEU D 413 -7.51 -10.13 -28.13
CA LEU D 413 -8.64 -9.34 -27.61
C LEU D 413 -9.32 -10.05 -26.44
N THR D 414 -8.69 -11.14 -26.03
CA THR D 414 -9.21 -12.02 -24.99
C THR D 414 -8.42 -11.99 -23.70
N TYR D 415 -9.10 -12.02 -22.56
CA TYR D 415 -8.46 -12.00 -21.24
C TYR D 415 -7.39 -13.09 -21.05
N PRO D 416 -6.25 -12.75 -20.42
CA PRO D 416 -5.91 -11.45 -19.88
C PRO D 416 -4.95 -10.66 -20.77
N PHE D 417 -4.87 -11.01 -22.04
CA PHE D 417 -3.97 -10.32 -22.96
C PHE D 417 -4.33 -8.90 -23.28
N ALA D 418 -5.60 -8.68 -23.55
CA ALA D 418 -6.04 -7.34 -23.88
C ALA D 418 -6.41 -6.68 -22.57
N GLN D 419 -6.61 -7.49 -21.52
CA GLN D 419 -7.01 -6.96 -20.23
C GLN D 419 -5.81 -6.88 -19.28
N SER D 420 -4.69 -6.46 -19.83
CA SER D 420 -3.48 -6.34 -19.05
C SER D 420 -2.99 -4.90 -19.14
N GLU D 421 -2.32 -4.43 -18.10
CA GLU D 421 -1.76 -3.10 -18.14
C GLU D 421 -0.36 -3.16 -17.56
N ALA D 422 0.58 -2.57 -18.30
CA ALA D 422 1.98 -2.55 -17.87
C ALA D 422 2.66 -1.31 -18.45
N GLU D 423 3.77 -0.90 -17.85
CA GLU D 423 4.51 0.24 -18.32
C GLU D 423 4.20 0.57 -19.78
N ASP D 424 4.73 -0.23 -20.69
CA ASP D 424 4.49 0.00 -22.09
C ASP D 424 3.09 -0.52 -22.40
N ASP D 425 2.36 0.08 -23.36
CA ASP D 425 1.01 -0.42 -23.64
C ASP D 425 0.85 -1.40 -24.81
N PHE D 426 -0.13 -2.28 -24.68
CA PHE D 426 -0.40 -3.29 -25.70
C PHE D 426 -1.45 -2.82 -26.66
N LYS D 427 -1.10 -2.79 -27.95
CA LYS D 427 -2.04 -2.36 -28.98
C LYS D 427 -2.68 -3.61 -29.58
N ILE D 428 -3.98 -3.77 -29.32
CA ILE D 428 -4.76 -4.90 -29.81
C ILE D 428 -4.88 -4.90 -31.32
N GLU D 429 -5.44 -5.97 -31.87
CA GLU D 429 -5.60 -6.10 -33.33
C GLU D 429 -6.99 -6.60 -33.63
N LYS D 430 -7.88 -5.74 -34.10
CA LYS D 430 -9.23 -6.15 -34.41
C LYS D 430 -9.18 -7.00 -35.69
N PRO D 431 -10.01 -8.07 -35.76
CA PRO D 431 -10.03 -8.95 -36.93
C PRO D 431 -10.49 -8.26 -38.20
N THR D 432 -10.50 -9.04 -39.27
CA THR D 432 -10.94 -8.57 -40.57
C THR D 432 -11.79 -9.71 -41.15
N LYS D 433 -13.09 -9.45 -41.38
CA LYS D 433 -14.07 -10.43 -41.88
C LYS D 433 -13.50 -11.80 -42.29
N GLU D 434 -12.47 -11.79 -43.14
CA GLU D 434 -11.84 -13.02 -43.61
C GLU D 434 -11.13 -13.83 -42.50
N ASP D 435 -10.74 -13.15 -41.42
CA ASP D 435 -10.04 -13.74 -40.26
C ASP D 435 -11.01 -13.96 -39.13
N ALA D 436 -11.96 -13.04 -39.04
CA ALA D 436 -12.98 -13.04 -38.01
C ALA D 436 -13.15 -14.37 -37.30
N ILE D 437 -13.14 -15.44 -38.09
CA ILE D 437 -13.34 -16.76 -37.54
C ILE D 437 -12.13 -17.27 -36.75
N LYS D 438 -10.95 -17.22 -37.39
CA LYS D 438 -9.71 -17.67 -36.77
C LYS D 438 -9.63 -17.14 -35.34
N TYR D 439 -10.18 -15.95 -35.11
CA TYR D 439 -10.19 -15.38 -33.77
C TYR D 439 -10.98 -16.31 -32.89
N VAL D 440 -12.18 -16.65 -33.34
CA VAL D 440 -13.02 -17.52 -32.54
C VAL D 440 -12.37 -18.86 -32.34
N MET D 441 -11.97 -19.48 -33.45
CA MET D 441 -11.30 -20.77 -33.38
C MET D 441 -10.22 -20.71 -32.30
N ALA D 442 -9.41 -19.66 -32.36
CA ALA D 442 -8.36 -19.44 -31.37
C ALA D 442 -9.01 -19.31 -30.00
N ILE D 443 -9.84 -18.28 -29.83
CA ILE D 443 -10.48 -18.06 -28.54
C ILE D 443 -11.08 -19.36 -28.04
N ALA D 444 -11.34 -20.27 -28.97
CA ALA D 444 -11.96 -21.55 -28.64
C ALA D 444 -10.99 -22.59 -28.07
N GLU D 445 -9.98 -22.89 -28.88
CA GLU D 445 -9.01 -23.88 -28.48
C GLU D 445 -8.33 -23.39 -27.23
N TYR D 446 -8.26 -22.07 -27.08
CA TYR D 446 -7.63 -21.48 -25.91
C TYR D 446 -8.57 -21.63 -24.71
N GLN D 447 -9.85 -21.40 -24.95
CA GLN D 447 -10.81 -21.42 -23.88
C GLN D 447 -11.33 -22.74 -23.43
N PHE D 448 -11.47 -23.63 -24.41
CA PHE D 448 -12.03 -24.95 -24.16
C PHE D 448 -11.06 -26.11 -24.19
N GLY D 449 -10.05 -26.03 -25.04
CA GLY D 449 -9.07 -27.11 -25.05
C GLY D 449 -8.65 -27.53 -26.42
N GLU D 450 -7.51 -28.21 -26.51
CA GLU D 450 -7.08 -28.66 -27.81
C GLU D 450 -8.26 -29.47 -28.31
N GLY D 451 -8.94 -28.88 -29.29
CA GLY D 451 -10.10 -29.53 -29.88
C GLY D 451 -11.21 -28.57 -30.29
N ALA D 452 -11.82 -27.95 -29.29
CA ALA D 452 -12.91 -26.99 -29.45
C ALA D 452 -13.02 -26.25 -30.79
N SER D 453 -11.91 -25.90 -31.42
CA SER D 453 -11.93 -25.20 -32.72
C SER D 453 -12.97 -25.74 -33.69
N ARG D 454 -12.97 -27.07 -33.84
CA ARG D 454 -13.87 -27.80 -34.74
C ARG D 454 -15.36 -27.55 -34.50
N ALA D 455 -15.77 -27.45 -33.24
CA ALA D 455 -17.17 -27.21 -32.94
C ALA D 455 -17.62 -25.88 -33.56
N PHE D 456 -16.71 -25.18 -34.24
CA PHE D 456 -17.01 -23.89 -34.88
C PHE D 456 -16.49 -23.84 -36.31
N ASP D 457 -15.79 -24.90 -36.71
CA ASP D 457 -15.18 -25.02 -38.04
C ASP D 457 -15.80 -24.07 -39.08
N ASP D 458 -17.08 -24.30 -39.37
CA ASP D 458 -17.84 -23.51 -40.34
C ASP D 458 -18.80 -22.58 -39.61
N ALA D 459 -18.48 -21.29 -39.49
CA ALA D 459 -19.41 -20.39 -38.81
C ALA D 459 -19.36 -18.98 -39.33
N LYS D 460 -20.21 -18.14 -38.73
CA LYS D 460 -20.36 -16.74 -39.10
C LYS D 460 -20.02 -15.85 -37.93
N VAL D 461 -19.08 -14.92 -38.12
CA VAL D 461 -18.71 -14.00 -37.04
C VAL D 461 -19.16 -12.61 -37.37
N GLU D 462 -20.07 -12.08 -36.55
CA GLU D 462 -20.56 -10.72 -36.80
C GLU D 462 -19.61 -9.78 -36.09
N LEU D 463 -19.42 -8.60 -36.69
CA LEU D 463 -18.55 -7.55 -36.16
C LEU D 463 -19.40 -6.37 -35.65
N SER D 464 -19.09 -5.83 -34.48
CA SER D 464 -19.87 -4.70 -33.99
C SER D 464 -19.45 -3.42 -34.69
N LYS D 465 -20.14 -2.33 -34.35
CA LYS D 465 -19.89 -1.00 -34.90
C LYS D 465 -18.47 -0.54 -34.55
N THR D 466 -17.78 -1.35 -33.74
CA THR D 466 -16.41 -1.09 -33.28
C THR D 466 -15.44 -1.81 -34.18
N GLY D 467 -15.72 -3.08 -34.41
CA GLY D 467 -14.85 -3.89 -35.25
C GLY D 467 -14.52 -5.14 -34.47
N MET D 468 -15.22 -5.25 -33.34
CA MET D 468 -15.09 -6.33 -32.37
C MET D 468 -15.96 -7.56 -32.67
N PRO D 469 -15.34 -8.73 -32.87
CA PRO D 469 -16.10 -9.96 -33.13
C PRO D 469 -16.95 -10.32 -31.94
N ARG D 470 -18.28 -10.30 -32.15
CA ARG D 470 -19.24 -10.60 -31.10
C ARG D 470 -20.06 -11.90 -31.24
N GLN D 471 -21.15 -11.91 -31.99
CA GLN D 471 -21.91 -13.15 -32.11
C GLN D 471 -21.48 -14.04 -33.28
N VAL D 472 -21.35 -15.34 -33.00
CA VAL D 472 -20.98 -16.33 -34.02
C VAL D 472 -22.12 -17.31 -34.20
N LYS D 473 -22.58 -17.46 -35.42
CA LYS D 473 -23.67 -18.39 -35.67
C LYS D 473 -23.48 -19.11 -36.99
N VAL D 474 -24.13 -20.26 -37.10
CA VAL D 474 -24.07 -21.06 -38.31
C VAL D 474 -25.47 -21.19 -38.86
N ASN D 475 -25.56 -21.03 -40.17
CA ASN D 475 -26.85 -21.06 -40.84
C ASN D 475 -27.72 -19.98 -40.20
N GLY D 476 -28.55 -20.35 -39.23
CA GLY D 476 -29.40 -19.35 -38.61
C GLY D 476 -29.19 -19.19 -37.13
N LYS D 477 -28.77 -20.26 -36.47
CA LYS D 477 -28.55 -20.20 -35.03
C LYS D 477 -27.10 -19.97 -34.55
N ARG D 478 -26.99 -19.28 -33.43
CA ARG D 478 -25.72 -18.91 -32.80
C ARG D 478 -25.13 -19.98 -31.94
N LEU D 479 -23.89 -20.37 -32.27
CA LEU D 479 -23.19 -21.35 -31.45
C LEU D 479 -22.89 -20.64 -30.14
N ALA D 480 -22.24 -19.47 -30.23
CA ALA D 480 -21.90 -18.65 -29.04
C ALA D 480 -21.67 -17.17 -29.32
N THR D 481 -21.22 -16.46 -28.27
CA THR D 481 -20.96 -15.02 -28.38
C THR D 481 -19.63 -14.63 -27.69
N VAL D 482 -18.89 -13.73 -28.33
CA VAL D 482 -17.60 -13.25 -27.84
C VAL D 482 -17.86 -12.17 -26.81
N ARG D 483 -18.16 -12.57 -25.58
CA ARG D 483 -18.42 -11.64 -24.49
C ARG D 483 -17.53 -10.40 -24.55
N ALA D 484 -18.13 -9.23 -24.49
CA ALA D 484 -17.41 -7.97 -24.59
C ALA D 484 -16.30 -7.70 -23.59
N ASP D 485 -16.65 -7.75 -22.31
CA ASP D 485 -15.70 -7.43 -21.28
C ASP D 485 -14.39 -8.22 -21.33
N ASP D 486 -14.45 -9.55 -21.46
CA ASP D 486 -13.24 -10.38 -21.48
C ASP D 486 -12.89 -11.11 -22.79
N GLY D 487 -13.60 -10.84 -23.86
CA GLY D 487 -13.29 -11.49 -25.12
C GLY D 487 -13.36 -13.01 -25.15
N LEU D 488 -14.04 -13.61 -24.19
CA LEU D 488 -14.17 -15.08 -24.11
C LEU D 488 -15.48 -15.53 -24.77
N LEU D 489 -15.71 -16.83 -24.87
CA LEU D 489 -16.95 -17.32 -25.48
C LEU D 489 -18.02 -17.69 -24.46
N THR D 490 -19.22 -17.21 -24.72
CA THR D 490 -20.39 -17.50 -23.90
C THR D 490 -21.20 -18.44 -24.81
N LEU D 491 -21.29 -19.70 -24.40
CA LEU D 491 -21.96 -20.72 -25.18
C LEU D 491 -23.47 -20.60 -25.26
N GLY D 492 -23.97 -20.86 -26.48
CA GLY D 492 -25.39 -20.79 -26.75
C GLY D 492 -25.94 -22.14 -27.16
N ILE D 493 -26.40 -22.90 -26.16
CA ILE D 493 -26.98 -24.23 -26.33
C ILE D 493 -26.62 -24.94 -27.64
N GLU D 494 -27.03 -24.40 -28.79
CA GLU D 494 -26.66 -25.03 -30.06
C GLU D 494 -25.14 -25.27 -30.05
N GLY D 495 -24.40 -24.24 -29.65
CA GLY D 495 -22.96 -24.36 -29.59
C GLY D 495 -22.56 -25.45 -28.59
N ALA D 496 -23.13 -25.40 -27.39
CA ALA D 496 -22.80 -26.38 -26.37
C ALA D 496 -22.91 -27.79 -26.91
N LYS D 497 -24.01 -28.11 -27.59
CA LYS D 497 -24.11 -29.46 -28.10
C LYS D 497 -23.07 -29.65 -29.20
N ARG D 498 -22.90 -28.65 -30.07
CA ARG D 498 -21.85 -28.73 -31.11
C ARG D 498 -20.53 -29.17 -30.48
N LEU D 499 -20.25 -28.60 -29.30
CA LEU D 499 -19.02 -28.88 -28.56
C LEU D 499 -19.05 -30.28 -28.00
N HIS D 500 -19.98 -30.47 -27.07
CA HIS D 500 -20.19 -31.74 -26.40
C HIS D 500 -19.84 -32.91 -27.30
N ARG D 501 -20.21 -32.76 -28.57
CA ARG D 501 -19.97 -33.78 -29.58
C ARG D 501 -18.51 -33.94 -30.00
N VAL D 502 -17.79 -32.82 -30.13
CA VAL D 502 -16.39 -32.87 -30.56
C VAL D 502 -15.36 -32.96 -29.39
N LEU D 503 -15.85 -32.80 -28.17
CA LEU D 503 -14.99 -32.89 -27.00
C LEU D 503 -15.33 -34.11 -26.19
N PRO D 504 -14.40 -35.04 -26.08
CA PRO D 504 -14.57 -36.30 -25.32
C PRO D 504 -14.90 -36.08 -23.85
N TYR D 505 -15.52 -37.05 -23.22
CA TYR D 505 -15.89 -36.93 -21.82
C TYR D 505 -14.60 -37.14 -21.03
N PRO D 506 -14.45 -36.50 -19.86
CA PRO D 506 -15.36 -35.58 -19.19
C PRO D 506 -15.05 -34.13 -19.48
N ARG D 507 -14.37 -33.87 -20.57
CA ARG D 507 -14.01 -32.49 -20.90
C ARG D 507 -15.14 -31.46 -20.68
N MET D 508 -14.90 -30.56 -19.73
CA MET D 508 -15.79 -29.47 -19.37
C MET D 508 -17.20 -29.91 -19.16
N ARG D 509 -17.37 -30.93 -18.34
CA ARG D 509 -18.67 -31.47 -18.07
C ARG D 509 -19.04 -31.41 -16.59
N VAL D 510 -20.32 -31.28 -16.33
CA VAL D 510 -20.83 -31.28 -14.98
C VAL D 510 -21.90 -32.37 -14.98
N VAL D 511 -21.74 -33.35 -14.09
CA VAL D 511 -22.64 -34.49 -13.95
C VAL D 511 -23.58 -34.37 -12.74
N VAL D 512 -24.86 -34.19 -13.07
CA VAL D 512 -25.99 -34.02 -12.15
C VAL D 512 -26.81 -35.27 -11.76
N ASN D 513 -27.09 -35.37 -10.47
CA ASN D 513 -27.88 -36.43 -9.85
C ASN D 513 -29.21 -36.52 -10.60
N LYS D 514 -29.78 -37.73 -10.71
CA LYS D 514 -31.07 -37.96 -11.39
C LYS D 514 -32.12 -36.90 -10.97
N GLU D 515 -32.20 -36.65 -9.65
CA GLU D 515 -33.10 -35.67 -9.05
C GLU D 515 -33.07 -34.34 -9.77
N ALA D 516 -31.85 -33.88 -10.05
CA ALA D 516 -31.65 -32.58 -10.69
C ALA D 516 -31.74 -32.58 -12.21
N GLU D 517 -31.52 -33.75 -12.84
CA GLU D 517 -31.59 -33.86 -14.31
C GLU D 517 -32.80 -33.13 -14.90
N PRO D 518 -33.95 -33.15 -14.19
CA PRO D 518 -35.16 -32.48 -14.68
C PRO D 518 -34.90 -31.00 -15.00
N PHE D 519 -34.65 -30.23 -13.93
CA PHE D 519 -34.38 -28.80 -13.99
C PHE D 519 -33.34 -28.42 -15.04
N ALA D 520 -32.14 -28.96 -14.91
CA ALA D 520 -31.08 -28.68 -15.85
C ALA D 520 -31.66 -28.46 -17.23
N ARG D 521 -32.38 -29.46 -17.71
CA ARG D 521 -32.99 -29.37 -19.03
C ARG D 521 -33.80 -28.07 -19.24
N LYS D 522 -34.53 -27.65 -18.19
CA LYS D 522 -35.34 -26.42 -18.25
C LYS D 522 -34.50 -25.13 -18.38
N GLY D 523 -33.42 -25.05 -17.61
CA GLY D 523 -32.59 -23.87 -17.66
C GLY D 523 -32.36 -23.31 -16.28
N LYS D 524 -32.90 -23.95 -15.26
CA LYS D 524 -32.71 -23.47 -13.90
C LYS D 524 -31.31 -23.89 -13.43
N ASP D 525 -30.69 -23.06 -12.61
CA ASP D 525 -29.34 -23.31 -12.11
C ASP D 525 -29.17 -24.63 -11.35
N VAL D 526 -27.93 -25.13 -11.36
CA VAL D 526 -27.54 -26.38 -10.68
C VAL D 526 -26.96 -26.09 -9.30
N PHE D 527 -27.34 -26.84 -8.28
CA PHE D 527 -26.81 -26.56 -6.94
C PHE D 527 -25.80 -27.61 -6.49
N ALA D 528 -24.59 -27.15 -6.15
CA ALA D 528 -23.48 -28.00 -5.70
C ALA D 528 -23.88 -29.39 -5.22
N LYS D 529 -24.84 -29.42 -4.29
CA LYS D 529 -25.39 -30.65 -3.69
C LYS D 529 -25.65 -31.79 -4.68
N PHE D 530 -26.23 -31.45 -5.82
CA PHE D 530 -26.55 -32.48 -6.79
C PHE D 530 -25.56 -32.73 -7.93
N VAL D 531 -24.27 -32.50 -7.66
CA VAL D 531 -23.28 -32.77 -8.69
C VAL D 531 -22.55 -34.08 -8.33
N ILE D 532 -22.65 -35.04 -9.22
CA ILE D 532 -22.04 -36.31 -8.93
C ILE D 532 -20.55 -36.31 -9.27
N PHE D 533 -20.20 -35.58 -10.33
CA PHE D 533 -18.82 -35.50 -10.78
C PHE D 533 -18.70 -34.43 -11.84
N ALA D 534 -17.53 -33.79 -11.96
CA ALA D 534 -17.30 -32.75 -12.95
C ALA D 534 -15.84 -32.71 -13.35
N ASP D 535 -15.58 -32.40 -14.63
CA ASP D 535 -14.20 -32.31 -15.12
C ASP D 535 -13.37 -31.56 -14.11
N PRO D 536 -12.23 -32.12 -13.71
CA PRO D 536 -11.40 -31.43 -12.72
C PRO D 536 -10.82 -30.11 -13.24
N GLY D 537 -10.43 -30.09 -14.53
CA GLY D 537 -9.86 -28.89 -15.12
C GLY D 537 -10.82 -27.71 -15.19
N ILE D 538 -11.93 -27.82 -14.48
CA ILE D 538 -12.92 -26.75 -14.45
C ILE D 538 -12.47 -25.72 -13.44
N ARG D 539 -12.48 -24.46 -13.85
CA ARG D 539 -12.09 -23.38 -12.97
C ARG D 539 -13.24 -22.38 -13.01
N PRO D 540 -13.47 -21.67 -11.89
CA PRO D 540 -14.54 -20.67 -11.79
C PRO D 540 -14.73 -19.80 -13.04
N TYR D 541 -16.00 -19.50 -13.34
CA TYR D 541 -16.37 -18.66 -14.47
C TYR D 541 -15.98 -19.24 -15.82
N ASP D 542 -15.83 -20.56 -15.81
CA ASP D 542 -15.51 -21.32 -17.00
C ASP D 542 -16.87 -21.54 -17.72
N GLU D 543 -16.87 -21.59 -19.05
CA GLU D 543 -18.11 -21.83 -19.78
C GLU D 543 -18.22 -23.36 -19.80
N VAL D 544 -19.20 -23.94 -19.12
CA VAL D 544 -19.30 -25.40 -19.07
C VAL D 544 -20.55 -26.13 -19.61
N LEU D 545 -20.42 -27.44 -19.86
CA LEU D 545 -21.52 -28.30 -20.38
C LEU D 545 -22.17 -29.12 -19.26
N VAL D 546 -23.45 -28.89 -18.99
CA VAL D 546 -24.12 -29.66 -17.94
C VAL D 546 -24.60 -30.88 -18.68
N VAL D 547 -24.47 -32.03 -18.02
CA VAL D 547 -24.84 -33.28 -18.61
C VAL D 547 -25.37 -34.22 -17.54
N ASN D 548 -26.07 -35.25 -17.98
CA ASN D 548 -26.65 -36.22 -17.06
C ASN D 548 -25.71 -37.39 -16.93
N GLU D 549 -25.91 -38.13 -15.85
CA GLU D 549 -25.10 -39.30 -15.57
C GLU D 549 -24.75 -40.15 -16.80
N ASN D 550 -25.53 -40.06 -17.87
CA ASN D 550 -25.18 -40.87 -19.01
C ASN D 550 -24.65 -40.04 -20.17
N ASP D 551 -24.19 -38.86 -19.83
CA ASP D 551 -23.60 -37.92 -20.77
C ASP D 551 -24.52 -37.41 -21.87
N GLU D 552 -25.68 -36.93 -21.44
CA GLU D 552 -26.61 -36.36 -22.39
C GLU D 552 -26.64 -34.88 -21.98
N LEU D 553 -26.40 -33.99 -22.97
CA LEU D 553 -26.39 -32.55 -22.70
C LEU D 553 -27.69 -32.09 -22.08
N LEU D 554 -27.61 -31.49 -20.89
CA LEU D 554 -28.82 -31.01 -20.23
C LEU D 554 -28.91 -29.48 -20.18
N ALA D 555 -27.77 -28.80 -20.41
CA ALA D 555 -27.70 -27.31 -20.37
C ALA D 555 -26.27 -26.79 -20.38
N THR D 556 -26.14 -25.46 -20.57
CA THR D 556 -24.87 -24.72 -20.60
C THR D 556 -24.97 -23.61 -19.58
N GLY D 557 -23.87 -23.34 -18.87
CA GLY D 557 -23.88 -22.28 -17.89
C GLY D 557 -22.53 -21.65 -17.58
N GLN D 558 -22.40 -21.18 -16.34
CA GLN D 558 -21.16 -20.54 -15.87
C GLN D 558 -20.72 -21.23 -14.57
N ALA D 559 -19.60 -21.96 -14.61
CA ALA D 559 -19.13 -22.64 -13.41
C ALA D 559 -18.97 -21.60 -12.35
N LEU D 560 -18.98 -22.02 -11.10
CA LEU D 560 -18.80 -21.12 -9.99
C LEU D 560 -17.82 -21.72 -9.02
N LEU D 561 -17.29 -22.88 -9.38
CA LEU D 561 -16.33 -23.57 -8.55
C LEU D 561 -15.43 -24.40 -9.45
N SER D 562 -14.24 -24.69 -8.98
CA SER D 562 -13.37 -25.53 -9.78
C SER D 562 -14.14 -26.83 -9.78
N GLY D 563 -13.80 -27.71 -10.71
CA GLY D 563 -14.47 -28.98 -10.79
C GLY D 563 -14.41 -29.68 -9.44
N ARG D 564 -13.21 -30.11 -9.07
CA ARG D 564 -13.08 -30.84 -7.83
C ARG D 564 -13.86 -30.21 -6.66
N GLU D 565 -14.27 -28.96 -6.86
CA GLU D 565 -15.02 -28.22 -5.83
C GLU D 565 -16.52 -28.55 -5.78
N MET D 566 -17.11 -28.69 -6.97
CA MET D 566 -18.54 -29.02 -7.12
C MET D 566 -18.78 -30.38 -6.45
N ILE D 567 -17.99 -31.36 -6.85
CA ILE D 567 -18.16 -32.67 -6.27
C ILE D 567 -18.21 -32.66 -4.74
N VAL D 568 -17.64 -31.66 -4.07
CA VAL D 568 -17.62 -31.71 -2.61
C VAL D 568 -18.55 -30.80 -1.84
N PHE D 569 -18.98 -29.74 -2.49
CA PHE D 569 -19.86 -28.76 -1.85
C PHE D 569 -21.30 -29.22 -1.69
N GLN D 570 -21.88 -28.95 -0.54
CA GLN D 570 -23.25 -29.32 -0.29
C GLN D 570 -24.21 -28.13 -0.42
N TYR D 571 -23.81 -26.97 0.09
CA TYR D 571 -24.65 -25.79 0.00
C TYR D 571 -24.11 -25.03 -1.18
N GLY D 572 -24.70 -23.90 -1.51
CA GLY D 572 -24.20 -23.12 -2.64
C GLY D 572 -24.47 -23.71 -4.02
N ARG D 573 -24.51 -22.81 -5.02
CA ARG D 573 -24.76 -23.27 -6.38
C ARG D 573 -23.49 -23.58 -7.13
N ALA D 574 -23.60 -24.52 -8.04
CA ALA D 574 -22.47 -24.98 -8.80
C ALA D 574 -22.37 -24.32 -10.15
N VAL D 575 -23.48 -24.24 -10.87
CA VAL D 575 -23.41 -23.61 -12.18
C VAL D 575 -24.51 -22.59 -12.29
N LYS D 576 -24.26 -21.53 -13.04
CA LYS D 576 -25.24 -20.48 -13.27
C LYS D 576 -25.67 -20.79 -14.69
N VAL D 577 -26.70 -21.61 -14.81
CA VAL D 577 -27.19 -22.05 -16.10
C VAL D 577 -27.71 -20.94 -16.97
N ARG D 578 -27.21 -20.91 -18.20
CA ARG D 578 -27.63 -19.93 -19.19
C ARG D 578 -28.89 -20.50 -19.85
N LYS D 579 -28.69 -21.39 -20.83
CA LYS D 579 -29.80 -22.02 -21.57
C LYS D 579 -29.99 -23.50 -21.22
N GLY D 580 -31.24 -23.96 -21.28
CA GLY D 580 -31.55 -25.37 -21.04
C GLY D 580 -31.71 -26.04 -22.41
N VAL D 581 -31.46 -27.34 -22.50
CA VAL D 581 -31.57 -28.07 -23.77
C VAL D 581 -33.02 -28.17 -24.22
N GLU D 582 -33.91 -27.89 -23.27
CA GLU D 582 -35.35 -27.92 -23.48
C GLU D 582 -35.91 -26.51 -23.19
#